data_3HT3
#
_entry.id   3HT3
#
_cell.length_a   93.280
_cell.length_b   108.790
_cell.length_c   152.090
_cell.angle_alpha   90.00
_cell.angle_beta   90.00
_cell.angle_gamma   90.00
#
_symmetry.space_group_name_H-M   'P 21 21 21'
#
loop_
_entity.id
_entity.type
_entity.pdbx_description
1 polymer 'DNA polymerase I, large fragment'
2 polymer "5'-D(*CP*GP*AP*TP*CP*AP*CP*GP*(DOC))-3'"
3 polymer "5'-D(*AP*CP*GP*GP*CP*GP*TP*GP*AP*TP*CP*G)-3'"
4 branched beta-D-fructofuranose-(2-1)-alpha-D-glucopyranose
5 non-polymer 'MAGNESIUM ION'
6 non-polymer "2'-DEOXYCYTIDINE-5'-TRIPHOSPHATE"
7 non-polymer 'SULFATE ION'
8 water water
#
loop_
_entity_poly.entity_id
_entity_poly.type
_entity_poly.pdbx_seq_one_letter_code
_entity_poly.pdbx_strand_id
1 'polypeptide(L)'
;KMAFTLADRVTEEMLADKAALVVEVVEENYHDAPIVGIAVVNEHGRFFLRPETALADPQFVAWLGDETKKKSMFDSKRAA
VALKWKGIELCGVSFDLLLAAYLLDPAQGVDDVAAAAKMKQYEAVRPDEAVYGKGAKRAVPDEPVLAEHLVRKAAAIWEL
ERPFLDELRRNEQDRLLVELEQPLSSILAEMEFAGVKVDTKRLEQMGKELAEQLGTVEQRIYELAGQEFNINSPKQLGVI
LFEKLQLPVLKKTKTGYSTSADVLEKLAPYHEIVENILHYRQLGKLQSTYIEGLLKVVRPATKKVHTIFNQALTQTGRLS
STEPNLQNIPIRLEEGRKIRQAFVPSESDWLIFAADYSQIELRVLAHIAEDDNLMEAFRRDLDIHTKTAMDIFQVSEDEV
TPNMRRQAKAVNFGIPYGISDYGLAQNLNISRKEAAEFIERYFESFPGVKRYMENIVQEAKQKGYVTTLLHRRRYLPDIT
SRNFNVRSFAERMAMNTPIQGSAADIIKKAMIDLNARLKEERLQAHLLLQVHDELILEAPKEEMERLCRLVPEVMEQAVT
LRVPLKVDYHYGSTWYDAK
;
A,D
2 'polydeoxyribonucleotide' (DC)(DG)(DA)(DT)(DC)(DA)(DC)(DG)(DOC) B,E
3 'polydeoxyribonucleotide' (DA)(DC)(DG)(DG)(DC)(DG)(DT)(DG)(DA)(DT)(DC)(DG) C,F
#
# COMPACT_ATOMS: atom_id res chain seq x y z
N LYS A 1 7.28 -13.79 29.17
CA LYS A 1 8.49 -13.50 29.99
C LYS A 1 9.74 -13.32 29.11
N MET A 2 10.72 -12.58 29.64
CA MET A 2 11.95 -12.29 28.91
C MET A 2 13.14 -12.21 29.87
N ALA A 3 14.07 -13.14 29.73
CA ALA A 3 15.27 -13.18 30.57
C ALA A 3 16.24 -12.06 30.22
N PHE A 4 16.80 -11.43 31.24
CA PHE A 4 17.83 -10.41 31.05
C PHE A 4 18.67 -10.26 32.31
N THR A 5 19.91 -9.82 32.14
CA THR A 5 20.82 -9.56 33.26
C THR A 5 20.76 -8.10 33.67
N LEU A 6 20.38 -7.87 34.93
CA LEU A 6 20.45 -6.55 35.51
C LEU A 6 21.87 -6.37 36.05
N ALA A 7 22.75 -5.88 35.20
CA ALA A 7 24.20 -5.87 35.47
C ALA A 7 24.65 -4.79 36.45
N ASP A 8 25.66 -5.12 37.27
CA ASP A 8 26.26 -4.14 38.17
C ASP A 8 27.63 -3.65 37.66
N ARG A 9 28.13 -4.28 36.61
CA ARG A 9 29.35 -3.83 35.94
C ARG A 9 29.32 -4.17 34.45
N VAL A 10 30.04 -3.40 33.66
CA VAL A 10 30.18 -3.66 32.23
C VAL A 10 31.12 -4.84 32.00
N THR A 11 30.70 -5.73 31.10
CA THR A 11 31.49 -6.92 30.74
C THR A 11 31.75 -6.96 29.23
N GLU A 12 32.81 -7.67 28.85
CA GLU A 12 33.21 -7.82 27.45
C GLU A 12 32.08 -8.25 26.49
N GLU A 13 31.22 -9.17 26.93
CA GLU A 13 30.16 -9.68 26.04
C GLU A 13 29.07 -8.63 25.74
N MET A 14 29.02 -7.57 26.54
CA MET A 14 28.10 -6.46 26.30
C MET A 14 28.60 -5.54 25.19
N LEU A 15 29.85 -5.74 24.75
CA LEU A 15 30.49 -4.83 23.81
C LEU A 15 30.73 -5.48 22.44
N ALA A 16 29.76 -6.30 22.01
CA ALA A 16 29.79 -6.96 20.71
C ALA A 16 29.73 -5.96 19.57
N ASP A 17 30.06 -6.38 18.36
CA ASP A 17 30.10 -5.43 17.24
C ASP A 17 28.76 -5.20 16.52
N LYS A 18 27.70 -5.84 17.01
CA LYS A 18 26.34 -5.45 16.65
C LYS A 18 25.44 -5.60 17.86
N ALA A 19 24.66 -4.56 18.17
CA ALA A 19 23.74 -4.59 19.28
C ALA A 19 22.56 -3.67 19.03
N ALA A 20 21.45 -3.97 19.68
CA ALA A 20 20.40 -2.98 19.90
C ALA A 20 20.76 -2.25 21.18
N LEU A 21 20.71 -0.91 21.11
CA LEU A 21 21.07 -0.08 22.24
C LEU A 21 19.93 0.88 22.57
N VAL A 22 19.63 0.99 23.87
CA VAL A 22 18.66 1.96 24.39
C VAL A 22 19.37 2.82 25.42
N VAL A 23 19.34 4.13 25.19
CA VAL A 23 19.88 5.10 26.14
C VAL A 23 18.69 5.98 26.48
N GLU A 24 18.03 5.67 27.59
CA GLU A 24 16.68 6.20 27.84
C GLU A 24 16.66 7.61 28.41
N VAL A 25 16.05 8.52 27.66
CA VAL A 25 15.78 9.88 28.13
C VAL A 25 14.26 10.10 28.16
N VAL A 26 13.72 10.23 29.37
CA VAL A 26 12.29 10.29 29.61
C VAL A 26 11.71 11.70 29.43
N GLU A 27 12.50 12.73 29.75
CA GLU A 27 12.09 14.12 29.46
C GLU A 27 11.86 14.30 27.98
N GLU A 28 10.67 14.83 27.63
CA GLU A 28 10.34 15.09 26.23
C GLU A 28 11.41 15.91 25.54
N ASN A 29 11.81 17.01 26.18
CA ASN A 29 12.94 17.80 25.67
C ASN A 29 14.22 17.20 26.26
N TYR A 30 15.07 16.67 25.38
CA TYR A 30 16.21 15.88 25.83
C TYR A 30 17.51 16.67 26.10
N HIS A 31 17.49 17.98 25.83
CA HIS A 31 18.64 18.83 26.04
C HIS A 31 18.94 18.90 27.54
N ASP A 32 20.16 18.54 27.91
CA ASP A 32 20.63 18.49 29.32
C ASP A 32 19.68 17.69 30.22
N ALA A 33 19.14 16.60 29.67
CA ALA A 33 18.15 15.81 30.39
C ALA A 33 18.82 14.59 31.04
N PRO A 34 18.25 14.06 32.12
CA PRO A 34 18.82 12.87 32.76
C PRO A 34 18.66 11.63 31.89
N ILE A 35 19.72 10.82 31.82
CA ILE A 35 19.66 9.47 31.26
C ILE A 35 19.31 8.53 32.41
N VAL A 36 18.22 7.80 32.27
CA VAL A 36 17.63 7.10 33.40
C VAL A 36 17.99 5.61 33.43
N GLY A 37 18.54 5.12 32.32
CA GLY A 37 18.83 3.71 32.18
C GLY A 37 19.35 3.37 30.80
N ILE A 38 20.05 2.24 30.70
CA ILE A 38 20.68 1.79 29.47
C ILE A 38 20.39 0.30 29.25
N ALA A 39 20.01 -0.07 28.03
CA ALA A 39 19.85 -1.48 27.71
C ALA A 39 20.64 -1.85 26.47
N VAL A 40 21.22 -3.04 26.51
CA VAL A 40 21.97 -3.61 25.40
C VAL A 40 21.43 -4.99 25.14
N VAL A 41 21.07 -5.26 23.90
CA VAL A 41 20.68 -6.61 23.47
C VAL A 41 21.55 -6.98 22.26
N ASN A 42 22.21 -8.12 22.35
CA ASN A 42 23.07 -8.59 21.28
C ASN A 42 23.06 -10.11 21.21
N GLU A 43 23.97 -10.68 20.43
CA GLU A 43 24.09 -12.13 20.23
C GLU A 43 24.29 -12.91 21.53
N HIS A 44 24.85 -12.25 22.54
CA HIS A 44 25.24 -12.90 23.79
C HIS A 44 24.23 -12.81 24.93
N GLY A 45 23.22 -11.96 24.76
CA GLY A 45 22.19 -11.80 25.78
C GLY A 45 21.55 -10.44 25.84
N ARG A 46 20.89 -10.18 26.96
CA ARG A 46 20.15 -8.94 27.18
C ARG A 46 20.60 -8.36 28.51
N PHE A 47 20.90 -7.06 28.52
CA PHE A 47 21.53 -6.40 29.67
C PHE A 47 20.89 -5.06 30.01
N PHE A 48 20.65 -4.80 31.30
CA PHE A 48 20.31 -3.45 31.76
C PHE A 48 21.50 -2.95 32.56
N LEU A 49 21.88 -1.70 32.33
CA LEU A 49 22.96 -1.05 33.06
C LEU A 49 22.49 0.27 33.62
N ARG A 50 22.86 0.55 34.87
CA ARG A 50 22.63 1.86 35.45
C ARG A 50 23.55 2.86 34.77
N PRO A 51 23.01 4.05 34.41
CA PRO A 51 23.80 5.05 33.72
C PRO A 51 25.03 5.48 34.52
N GLU A 52 24.88 5.57 35.85
CA GLU A 52 25.97 5.97 36.74
C GLU A 52 27.18 5.06 36.56
N THR A 53 26.89 3.78 36.28
CA THR A 53 27.88 2.75 36.06
C THR A 53 28.45 2.75 34.64
N ALA A 54 27.57 2.60 33.65
CA ALA A 54 27.99 2.43 32.26
C ALA A 54 28.74 3.62 31.69
N LEU A 55 28.29 4.83 32.01
CA LEU A 55 28.84 6.03 31.41
C LEU A 55 30.13 6.50 32.09
N ALA A 56 30.43 5.91 33.24
CA ALA A 56 31.72 6.13 33.90
C ALA A 56 32.74 5.05 33.55
N ASP A 57 32.29 3.99 32.88
CA ASP A 57 33.17 2.86 32.50
C ASP A 57 33.89 3.12 31.18
N PRO A 58 35.23 3.23 31.23
CA PRO A 58 36.04 3.56 30.05
C PRO A 58 35.76 2.68 28.83
N GLN A 59 35.59 1.38 29.04
CA GLN A 59 35.35 0.45 27.93
C GLN A 59 33.98 0.65 27.27
N PHE A 60 32.96 0.95 28.07
CA PHE A 60 31.61 1.18 27.53
C PHE A 60 31.59 2.47 26.69
N VAL A 61 32.20 3.52 27.22
CA VAL A 61 32.27 4.80 26.53
C VAL A 61 33.04 4.70 25.21
N ALA A 62 34.13 3.93 25.22
CA ALA A 62 34.88 3.62 24.00
C ALA A 62 34.04 2.84 22.99
N TRP A 63 33.24 1.89 23.48
CA TRP A 63 32.33 1.13 22.63
C TRP A 63 31.27 2.04 22.00
N LEU A 64 30.63 2.89 22.81
CA LEU A 64 29.66 3.88 22.28
C LEU A 64 30.26 4.67 21.14
N GLY A 65 31.51 5.10 21.31
CA GLY A 65 32.18 5.97 20.36
C GLY A 65 32.84 5.31 19.16
N ASP A 66 32.87 3.97 19.13
CA ASP A 66 33.48 3.24 18.03
C ASP A 66 32.51 3.06 16.87
N GLU A 67 32.83 3.63 15.70
CA GLU A 67 31.92 3.57 14.57
C GLU A 67 31.81 2.16 13.96
N THR A 68 32.81 1.33 14.20
CA THR A 68 32.81 -0.05 13.70
C THR A 68 31.89 -0.98 14.51
N LYS A 69 31.49 -0.54 15.69
CA LYS A 69 30.59 -1.31 16.53
C LYS A 69 29.19 -0.79 16.24
N LYS A 70 28.40 -1.60 15.55
CA LYS A 70 27.14 -1.12 14.97
C LYS A 70 25.98 -1.20 15.94
N LYS A 71 25.19 -0.12 16.02
CA LYS A 71 24.08 -0.08 16.94
C LYS A 71 22.77 0.13 16.20
N SER A 72 21.76 -0.60 16.62
CA SER A 72 20.40 -0.36 16.17
C SER A 72 19.65 0.30 17.30
N MET A 73 18.95 1.40 17.00
CA MET A 73 18.31 2.22 18.02
C MET A 73 16.94 2.70 17.58
N PHE A 74 16.23 3.34 18.49
CA PHE A 74 15.02 4.12 18.18
C PHE A 74 15.25 5.57 18.64
N ASP A 75 15.23 6.50 17.69
CA ASP A 75 15.54 7.94 17.91
C ASP A 75 16.94 8.08 18.47
N SER A 76 17.90 7.74 17.62
CA SER A 76 19.33 7.88 17.92
C SER A 76 19.73 9.34 18.13
N LYS A 77 18.96 10.28 17.58
CA LYS A 77 19.25 11.71 17.82
C LYS A 77 19.00 12.11 19.28
N ARG A 78 17.93 11.61 19.88
CA ARG A 78 17.63 11.82 21.29
C ARG A 78 18.82 11.38 22.16
N ALA A 79 19.25 10.13 21.97
CA ALA A 79 20.38 9.57 22.72
C ALA A 79 21.68 10.31 22.47
N ALA A 80 22.00 10.59 21.21
CA ALA A 80 23.26 11.22 20.83
C ALA A 80 23.35 12.60 21.48
N VAL A 81 22.25 13.36 21.43
CA VAL A 81 22.25 14.69 22.07
C VAL A 81 22.33 14.61 23.59
N ALA A 82 21.54 13.75 24.22
CA ALA A 82 21.58 13.62 25.68
C ALA A 82 23.00 13.24 26.14
N LEU A 83 23.65 12.37 25.37
CA LEU A 83 25.06 11.99 25.60
C LEU A 83 26.02 13.17 25.40
N LYS A 84 25.81 13.95 24.33
CA LYS A 84 26.60 15.17 24.12
C LYS A 84 26.58 16.07 25.36
N TRP A 85 25.39 16.25 25.95
CA TRP A 85 25.23 17.05 27.18
C TRP A 85 25.96 16.45 28.41
N LYS A 86 26.27 15.17 28.34
CA LYS A 86 27.08 14.47 29.35
C LYS A 86 28.53 14.31 28.89
N GLY A 87 28.86 14.89 27.74
CA GLY A 87 30.23 14.84 27.19
C GLY A 87 30.70 13.49 26.68
N ILE A 88 29.79 12.76 26.04
CA ILE A 88 30.06 11.42 25.48
C ILE A 88 29.60 11.36 24.02
N GLU A 89 30.47 10.83 23.16
CA GLU A 89 30.17 10.68 21.74
C GLU A 89 29.55 9.31 21.41
N LEU A 90 28.49 9.34 20.59
CA LEU A 90 27.84 8.12 20.07
C LEU A 90 28.07 7.98 18.57
N CYS A 91 28.66 6.86 18.18
CA CYS A 91 28.94 6.55 16.78
C CYS A 91 28.47 5.13 16.43
N GLY A 92 28.43 4.86 15.13
CA GLY A 92 28.12 3.53 14.60
C GLY A 92 26.65 3.15 14.55
N VAL A 93 25.76 4.13 14.57
CA VAL A 93 24.32 3.82 14.45
C VAL A 93 24.02 3.45 13.00
N SER A 94 23.61 2.19 12.79
CA SER A 94 23.36 1.68 11.45
C SER A 94 21.87 1.53 11.14
N PHE A 95 21.03 1.63 12.16
CA PHE A 95 19.58 1.47 12.01
C PHE A 95 18.85 2.28 13.07
N ASP A 96 17.90 3.11 12.62
CA ASP A 96 17.05 3.90 13.52
C ASP A 96 15.58 3.58 13.22
N LEU A 97 14.98 2.85 14.15
CA LEU A 97 13.61 2.33 14.02
C LEU A 97 12.59 3.46 13.86
N LEU A 98 12.81 4.59 14.53
CA LEU A 98 11.91 5.74 14.39
C LEU A 98 11.89 6.27 12.96
N LEU A 99 13.08 6.43 12.37
CA LEU A 99 13.18 6.94 11.01
C LEU A 99 12.67 5.89 9.99
N ALA A 100 12.92 4.61 10.27
CA ALA A 100 12.39 3.53 9.42
C ALA A 100 10.86 3.55 9.41
N ALA A 101 10.26 3.70 10.59
CA ALA A 101 8.79 3.70 10.73
C ALA A 101 8.20 4.93 10.04
N TYR A 102 8.86 6.07 10.22
CA TYR A 102 8.43 7.32 9.59
C TYR A 102 8.38 7.22 8.07
N LEU A 103 9.41 6.61 7.50
CA LEU A 103 9.49 6.43 6.05
C LEU A 103 8.43 5.45 5.56
N LEU A 104 8.17 4.39 6.31
CA LEU A 104 7.15 3.42 5.88
C LEU A 104 5.75 4.04 5.86
N ASP A 105 5.44 4.90 6.81
CA ASP A 105 4.16 5.61 6.78
C ASP A 105 4.10 6.72 7.81
N PRO A 106 4.28 7.97 7.35
CA PRO A 106 4.33 9.07 8.31
C PRO A 106 3.00 9.34 9.00
N ALA A 107 1.92 8.82 8.46
CA ALA A 107 0.58 9.04 8.99
C ALA A 107 0.35 8.29 10.30
N GLN A 108 1.14 7.24 10.55
CA GLN A 108 0.99 6.47 11.79
C GLN A 108 1.39 7.26 13.02
N GLY A 109 2.14 8.35 12.83
CA GLY A 109 2.64 9.14 13.95
C GLY A 109 3.39 8.30 14.98
N VAL A 110 4.23 7.38 14.51
CA VAL A 110 5.03 6.53 15.42
C VAL A 110 5.91 7.43 16.28
N ASP A 111 5.79 7.26 17.60
CA ASP A 111 6.55 8.09 18.55
C ASP A 111 7.14 7.29 19.69
N ASP A 112 6.92 5.98 19.66
CA ASP A 112 7.65 5.08 20.57
C ASP A 112 7.87 3.72 19.94
N VAL A 113 8.70 2.90 20.57
CA VAL A 113 9.02 1.56 20.06
C VAL A 113 7.76 0.70 19.91
N ALA A 114 6.83 0.83 20.86
CA ALA A 114 5.61 0.02 20.82
C ALA A 114 4.82 0.29 19.53
N ALA A 115 4.71 1.56 19.15
CA ALA A 115 3.97 1.96 17.95
C ALA A 115 4.65 1.45 16.68
N ALA A 116 5.98 1.52 16.63
CA ALA A 116 6.72 0.88 15.52
C ALA A 116 6.48 -0.63 15.52
N ALA A 117 6.55 -1.26 16.69
CA ALA A 117 6.36 -2.69 16.82
C ALA A 117 5.00 -3.15 16.26
N LYS A 118 3.97 -2.34 16.47
CA LYS A 118 2.62 -2.73 16.04
C LYS A 118 2.48 -2.84 14.53
N MET A 119 3.30 -2.08 13.81
CA MET A 119 3.36 -2.18 12.34
C MET A 119 3.72 -3.58 11.85
N LYS A 120 4.38 -4.37 12.70
CA LYS A 120 4.78 -5.73 12.36
C LYS A 120 4.22 -6.77 13.33
N GLN A 121 3.17 -6.36 14.04
CA GLN A 121 2.46 -7.23 14.99
C GLN A 121 3.39 -7.85 16.04
N TYR A 122 4.36 -7.04 16.48
CA TYR A 122 5.24 -7.39 17.59
C TYR A 122 4.60 -6.79 18.84
N GLU A 123 4.25 -7.64 19.80
CA GLU A 123 3.51 -7.21 20.99
CA GLU A 123 3.53 -7.16 20.98
C GLU A 123 4.28 -7.35 22.30
N ALA A 124 5.49 -7.91 22.23
CA ALA A 124 6.30 -8.15 23.43
C ALA A 124 6.97 -6.90 24.03
N VAL A 125 6.31 -5.75 23.91
CA VAL A 125 6.82 -4.47 24.43
C VAL A 125 5.68 -3.48 24.75
N ARG A 126 5.78 -2.80 25.88
CA ARG A 126 4.76 -1.82 26.30
C ARG A 126 4.99 -0.43 25.68
N PRO A 127 3.90 0.34 25.51
CA PRO A 127 4.01 1.75 25.14
C PRO A 127 4.67 2.56 26.25
N ASP A 128 5.39 3.60 25.87
CA ASP A 128 6.10 4.48 26.81
C ASP A 128 5.18 5.19 27.82
N GLU A 129 3.96 5.54 27.39
CA GLU A 129 3.01 6.17 28.30
C GLU A 129 2.42 5.18 29.30
N ALA A 130 2.38 3.91 28.93
CA ALA A 130 1.89 2.85 29.81
C ALA A 130 2.87 2.53 30.95
N VAL A 131 4.15 2.82 30.72
CA VAL A 131 5.20 2.59 31.72
C VAL A 131 5.45 3.86 32.54
N TYR A 132 5.59 4.99 31.86
CA TYR A 132 5.92 6.28 32.51
C TYR A 132 4.71 7.09 32.96
N GLY A 133 3.54 6.82 32.38
CA GLY A 133 2.31 7.53 32.73
C GLY A 133 2.08 8.76 31.87
N LYS A 134 0.82 9.19 31.81
CA LYS A 134 0.44 10.33 30.97
C LYS A 134 0.56 11.64 31.74
N GLY A 135 1.03 12.67 31.03
CA GLY A 135 1.09 14.05 31.54
C GLY A 135 1.58 14.23 32.97
N ALA A 136 0.66 14.53 33.87
CA ALA A 136 0.98 14.85 35.27
C ALA A 136 1.36 13.63 36.11
N LYS A 137 1.11 12.44 35.57
CA LYS A 137 1.53 11.19 36.22
C LYS A 137 2.90 10.71 35.72
N ARG A 138 3.57 11.53 34.90
CA ARG A 138 4.87 11.18 34.30
C ARG A 138 5.96 10.99 35.37
N ALA A 139 6.52 9.79 35.41
CA ALA A 139 7.57 9.43 36.37
C ALA A 139 8.32 8.18 35.97
N VAL A 140 9.60 8.12 36.29
CA VAL A 140 10.40 6.92 36.13
C VAL A 140 9.99 5.91 37.22
N PRO A 141 9.62 4.68 36.80
CA PRO A 141 9.19 3.67 37.77
C PRO A 141 10.34 3.04 38.55
N ASP A 142 10.02 2.13 39.47
CA ASP A 142 11.01 1.37 40.23
C ASP A 142 11.94 0.59 39.29
N GLU A 143 13.23 0.54 39.62
CA GLU A 143 14.27 -0.04 38.76
C GLU A 143 13.95 -1.37 38.05
N PRO A 144 13.34 -2.35 38.75
CA PRO A 144 13.08 -3.60 38.01
C PRO A 144 12.07 -3.41 36.87
N VAL A 145 11.09 -2.53 37.09
CA VAL A 145 10.06 -2.19 36.10
C VAL A 145 10.68 -1.41 34.93
N LEU A 146 11.57 -0.47 35.26
CA LEU A 146 12.28 0.31 34.24
C LEU A 146 13.17 -0.60 33.40
N ALA A 147 13.95 -1.44 34.08
CA ALA A 147 14.93 -2.31 33.45
C ALA A 147 14.27 -3.20 32.40
N GLU A 148 13.20 -3.87 32.81
CA GLU A 148 12.45 -4.75 31.92
C GLU A 148 11.94 -3.98 30.72
N HIS A 149 11.43 -2.76 30.94
CA HIS A 149 10.92 -1.95 29.83
C HIS A 149 12.03 -1.60 28.84
N LEU A 150 13.16 -1.13 29.34
CA LEU A 150 14.28 -0.78 28.46
C LEU A 150 14.82 -1.97 27.70
N VAL A 151 14.92 -3.11 28.38
CA VAL A 151 15.38 -4.35 27.75
C VAL A 151 14.38 -4.79 26.67
N ARG A 152 13.09 -4.66 26.97
CA ARG A 152 12.05 -5.02 26.01
C ARG A 152 12.11 -4.13 24.77
N LYS A 153 12.39 -2.84 24.97
CA LYS A 153 12.57 -1.94 23.85
C LYS A 153 13.76 -2.36 23.00
N ALA A 154 14.87 -2.67 23.65
CA ALA A 154 16.10 -3.08 22.95
C ALA A 154 15.87 -4.38 22.17
N ALA A 155 15.17 -5.32 22.80
CA ALA A 155 14.83 -6.61 22.17
C ALA A 155 13.91 -6.43 20.95
N ALA A 156 12.92 -5.54 21.07
CA ALA A 156 12.05 -5.19 19.94
C ALA A 156 12.85 -4.62 18.76
N ILE A 157 13.73 -3.65 19.03
CA ILE A 157 14.59 -3.12 17.97
C ILE A 157 15.42 -4.23 17.31
N TRP A 158 16.02 -5.08 18.13
CA TRP A 158 16.80 -6.22 17.66
C TRP A 158 16.01 -7.10 16.68
N GLU A 159 14.78 -7.43 17.04
CA GLU A 159 13.95 -8.31 16.20
C GLU A 159 13.33 -7.62 15.00
N LEU A 160 13.10 -6.32 15.11
CA LEU A 160 12.33 -5.59 14.10
C LEU A 160 13.17 -5.01 12.97
N GLU A 161 14.48 -4.88 13.18
CA GLU A 161 15.37 -4.31 12.18
C GLU A 161 15.23 -4.96 10.78
N ARG A 162 15.36 -6.28 10.74
CA ARG A 162 15.27 -7.00 9.49
C ARG A 162 13.89 -6.89 8.79
N PRO A 163 12.76 -7.10 9.52
CA PRO A 163 11.42 -6.89 8.93
C PRO A 163 11.24 -5.47 8.35
N PHE A 164 11.74 -4.45 9.07
CA PHE A 164 11.62 -3.07 8.58
C PHE A 164 12.50 -2.81 7.35
N LEU A 165 13.75 -3.28 7.39
CA LEU A 165 14.61 -3.09 6.24
C LEU A 165 14.06 -3.83 5.01
N ASP A 166 13.49 -5.02 5.23
CA ASP A 166 12.92 -5.79 4.12
C ASP A 166 11.75 -5.06 3.45
N GLU A 167 10.86 -4.46 4.23
CA GLU A 167 9.77 -3.67 3.66
C GLU A 167 10.24 -2.36 3.01
N LEU A 168 11.23 -1.71 3.61
CA LEU A 168 11.76 -0.49 2.99
C LEU A 168 12.37 -0.87 1.63
N ARG A 169 13.15 -1.95 1.60
CA ARG A 169 13.82 -2.40 0.36
C ARG A 169 12.79 -2.73 -0.69
N ARG A 170 11.76 -3.48 -0.30
CA ARG A 170 10.60 -3.73 -1.16
C ARG A 170 10.05 -2.45 -1.79
N ASN A 171 9.91 -1.40 -0.98
CA ASN A 171 9.38 -0.11 -1.39
C ASN A 171 10.40 0.79 -2.13
N GLU A 172 11.64 0.32 -2.25
CA GLU A 172 12.77 1.12 -2.76
C GLU A 172 12.95 2.40 -1.92
N GLN A 173 12.88 2.20 -0.62
CA GLN A 173 13.10 3.28 0.36
C GLN A 173 14.29 2.98 1.29
N ASP A 174 15.02 1.88 1.06
CA ASP A 174 16.08 1.53 2.02
C ASP A 174 17.26 2.50 1.94
N ARG A 175 17.57 2.98 0.74
CA ARG A 175 18.64 3.95 0.61
C ARG A 175 18.20 5.33 1.10
N LEU A 176 16.92 5.64 0.98
CA LEU A 176 16.36 6.84 1.62
C LEU A 176 16.65 6.83 3.13
N LEU A 177 16.53 5.67 3.77
CA LEU A 177 16.83 5.55 5.18
C LEU A 177 18.35 5.63 5.45
N VAL A 178 19.11 4.77 4.78
CA VAL A 178 20.51 4.57 5.17
C VAL A 178 21.44 5.66 4.61
N GLU A 179 21.08 6.23 3.47
CA GLU A 179 21.93 7.21 2.81
C GLU A 179 21.49 8.66 3.02
N LEU A 180 20.24 8.85 3.48
CA LEU A 180 19.70 10.22 3.62
C LEU A 180 19.26 10.51 5.05
N GLU A 181 18.17 9.88 5.51
CA GLU A 181 17.66 10.19 6.84
C GLU A 181 18.63 9.89 7.98
N GLN A 182 19.30 8.73 7.97
CA GLN A 182 20.19 8.40 9.08
C GLN A 182 21.43 9.33 9.15
N PRO A 183 22.10 9.59 8.01
CA PRO A 183 23.20 10.56 8.05
C PRO A 183 22.74 11.95 8.49
N LEU A 184 21.52 12.32 8.11
CA LEU A 184 20.96 13.63 8.48
C LEU A 184 20.73 13.75 9.97
N SER A 185 20.29 12.65 10.60
CA SER A 185 20.04 12.64 12.03
C SER A 185 21.27 13.10 12.79
N SER A 186 22.44 12.63 12.34
CA SER A 186 23.74 12.94 12.95
C SER A 186 24.00 14.44 12.90
N ILE A 187 23.75 15.00 11.71
CA ILE A 187 24.00 16.39 11.38
C ILE A 187 23.07 17.30 12.19
N LEU A 188 21.78 16.97 12.22
CA LEU A 188 20.83 17.65 13.09
C LEU A 188 21.21 17.60 14.59
N ALA A 189 21.74 16.47 15.04
CA ALA A 189 22.15 16.35 16.45
C ALA A 189 23.19 17.41 16.78
N GLU A 190 24.14 17.59 15.87
CA GLU A 190 25.20 18.56 16.04
C GLU A 190 24.63 19.97 16.06
N MET A 191 23.66 20.23 15.19
CA MET A 191 23.02 21.55 15.12
C MET A 191 22.28 21.89 16.41
N GLU A 192 21.50 20.95 16.91
CA GLU A 192 20.73 21.18 18.13
C GLU A 192 21.65 21.43 19.32
N PHE A 193 22.68 20.60 19.44
CA PHE A 193 23.62 20.70 20.56
C PHE A 193 24.46 21.98 20.57
N ALA A 194 24.95 22.38 19.40
CA ALA A 194 25.68 23.63 19.26
C ALA A 194 24.79 24.81 19.65
N GLY A 195 23.54 24.80 19.17
CA GLY A 195 22.59 25.85 19.49
C GLY A 195 22.89 27.13 18.74
N VAL A 196 22.07 28.15 19.00
CA VAL A 196 22.25 29.45 18.37
C VAL A 196 22.34 30.49 19.48
N LYS A 197 23.29 31.41 19.36
CA LYS A 197 23.53 32.41 20.41
C LYS A 197 22.65 33.64 20.22
N VAL A 198 22.11 34.16 21.32
CA VAL A 198 21.09 35.23 21.31
C VAL A 198 21.51 36.43 22.17
N ASP A 199 21.31 37.63 21.62
CA ASP A 199 21.58 38.90 22.31
C ASP A 199 20.34 39.20 23.16
N THR A 200 20.34 38.69 24.40
CA THR A 200 19.16 38.79 25.26
C THR A 200 18.89 40.22 25.69
N LYS A 201 19.96 41.00 25.89
CA LYS A 201 19.85 42.44 26.15
C LYS A 201 19.00 43.12 25.07
N ARG A 202 19.28 42.81 23.81
CA ARG A 202 18.55 43.40 22.69
C ARG A 202 17.08 43.01 22.74
N LEU A 203 16.82 41.72 22.98
CA LEU A 203 15.46 41.22 23.09
C LEU A 203 14.74 41.88 24.27
N GLU A 204 15.46 42.03 25.37
CA GLU A 204 14.88 42.67 26.54
C GLU A 204 14.56 44.15 26.30
N GLN A 205 15.41 44.83 25.52
CA GLN A 205 15.12 46.22 25.16
C GLN A 205 13.90 46.30 24.25
N MET A 206 13.87 45.48 23.20
CA MET A 206 12.70 45.38 22.34
C MET A 206 11.41 45.13 23.12
N GLY A 207 11.45 44.15 24.04
CA GLY A 207 10.32 43.82 24.91
C GLY A 207 9.79 45.01 25.71
N LYS A 208 10.70 45.78 26.29
CA LYS A 208 10.35 46.99 27.03
C LYS A 208 9.60 48.01 26.15
N GLU A 209 10.18 48.32 24.99
CA GLU A 209 9.58 49.23 24.00
C GLU A 209 8.22 48.75 23.48
N LEU A 210 8.10 47.45 23.23
CA LEU A 210 6.85 46.84 22.75
C LEU A 210 5.71 46.96 23.76
N ALA A 211 6.03 46.78 25.04
CA ALA A 211 5.05 46.90 26.13
C ALA A 211 4.44 48.31 26.18
N GLU A 212 5.28 49.33 25.96
CA GLU A 212 4.83 50.72 25.87
C GLU A 212 3.83 50.88 24.72
N GLN A 213 4.25 50.39 23.55
CA GLN A 213 3.46 50.54 22.33
C GLN A 213 2.15 49.75 22.41
N LEU A 214 2.22 48.54 22.96
CA LEU A 214 1.03 47.72 23.19
C LEU A 214 0.00 48.47 24.04
N GLY A 215 0.46 49.09 25.12
CA GLY A 215 -0.40 49.88 26.00
C GLY A 215 -1.10 51.01 25.26
N THR A 216 -0.33 51.74 24.45
CA THR A 216 -0.81 52.86 23.65
C THR A 216 -1.89 52.41 22.65
N VAL A 217 -1.56 51.40 21.85
CA VAL A 217 -2.49 50.89 20.85
C VAL A 217 -3.76 50.35 21.52
N GLU A 218 -3.58 49.66 22.65
CA GLU A 218 -4.69 49.08 23.42
C GLU A 218 -5.73 50.11 23.86
N GLN A 219 -5.25 51.21 24.43
CA GLN A 219 -6.13 52.28 24.92
C GLN A 219 -6.83 52.99 23.77
N ARG A 220 -6.10 53.17 22.67
CA ARG A 220 -6.63 53.75 21.44
C ARG A 220 -7.73 52.87 20.85
N ILE A 221 -7.56 51.55 20.98
CA ILE A 221 -8.57 50.59 20.55
C ILE A 221 -9.82 50.65 21.45
N TYR A 222 -9.62 50.82 22.76
CA TYR A 222 -10.74 50.96 23.67
C TYR A 222 -11.47 52.28 23.44
N GLU A 223 -10.74 53.29 23.01
CA GLU A 223 -11.29 54.61 22.73
C GLU A 223 -12.21 54.59 21.51
N LEU A 224 -11.74 53.96 20.43
CA LEU A 224 -12.51 53.86 19.18
C LEU A 224 -13.67 52.85 19.31
N ALA A 225 -13.50 51.87 20.19
CA ALA A 225 -14.57 50.92 20.49
C ALA A 225 -15.57 51.51 21.48
N GLY A 226 -15.12 52.48 22.28
CA GLY A 226 -15.94 53.06 23.34
C GLY A 226 -16.24 52.08 24.46
N GLN A 227 -15.49 50.97 24.51
CA GLN A 227 -15.64 49.95 25.55
C GLN A 227 -14.29 49.27 25.77
N GLU A 228 -14.12 48.69 26.96
CA GLU A 228 -12.93 47.88 27.24
C GLU A 228 -13.30 46.41 27.08
N PHE A 229 -12.35 45.66 26.51
CA PHE A 229 -12.56 44.24 26.25
C PHE A 229 -11.21 43.56 26.04
N ASN A 230 -11.23 42.23 25.96
CA ASN A 230 -10.02 41.48 25.66
C ASN A 230 -9.85 41.40 24.14
N ILE A 231 -8.92 42.20 23.62
CA ILE A 231 -8.62 42.26 22.19
C ILE A 231 -8.08 40.93 21.69
N ASN A 232 -7.41 40.19 22.56
CA ASN A 232 -6.88 38.86 22.23
C ASN A 232 -7.93 37.78 22.26
N SER A 233 -9.17 38.18 22.50
CA SER A 233 -10.30 37.27 22.43
C SER A 233 -11.05 37.55 21.13
N PRO A 234 -10.81 36.74 20.09
CA PRO A 234 -11.56 36.87 18.83
C PRO A 234 -13.09 36.93 19.07
N LYS A 235 -13.57 36.20 20.08
CA LYS A 235 -14.99 36.22 20.43
C LYS A 235 -15.46 37.58 20.94
N GLN A 236 -14.73 38.14 21.91
CA GLN A 236 -15.02 39.47 22.46
C GLN A 236 -14.86 40.58 21.44
N LEU A 237 -13.85 40.44 20.58
CA LEU A 237 -13.64 41.38 19.47
C LEU A 237 -14.79 41.34 18.47
N GLY A 238 -15.28 40.13 18.17
CA GLY A 238 -16.41 39.94 17.26
C GLY A 238 -17.69 40.62 17.75
N VAL A 239 -17.94 40.52 19.05
CA VAL A 239 -19.05 41.25 19.69
C VAL A 239 -18.92 42.76 19.45
N ILE A 240 -17.73 43.31 19.69
CA ILE A 240 -17.47 44.73 19.45
C ILE A 240 -17.69 45.12 17.99
N LEU A 241 -17.05 44.40 17.08
CA LEU A 241 -17.10 44.75 15.66
C LEU A 241 -18.46 44.55 15.01
N PHE A 242 -19.11 43.43 15.33
CA PHE A 242 -20.29 43.02 14.58
C PHE A 242 -21.61 43.24 15.31
N GLU A 243 -21.52 43.54 16.60
CA GLU A 243 -22.71 43.84 17.38
C GLU A 243 -22.72 45.30 17.87
N LYS A 244 -21.61 45.76 18.46
CA LYS A 244 -21.55 47.15 18.93
C LYS A 244 -21.34 48.17 17.82
N LEU A 245 -20.50 47.84 16.86
CA LEU A 245 -20.20 48.78 15.76
C LEU A 245 -20.98 48.42 14.50
N GLN A 246 -21.72 47.31 14.57
CA GLN A 246 -22.55 46.82 13.48
C GLN A 246 -21.84 46.84 12.12
N LEU A 247 -20.59 46.38 12.13
CA LEU A 247 -19.83 46.22 10.90
C LEU A 247 -20.36 44.99 10.19
N PRO A 248 -20.22 44.94 8.86
CA PRO A 248 -20.73 43.82 8.09
C PRO A 248 -20.04 42.52 8.48
N VAL A 249 -20.81 41.43 8.55
CA VAL A 249 -20.26 40.12 8.81
C VAL A 249 -19.90 39.46 7.48
N LEU A 250 -18.61 39.49 7.16
CA LEU A 250 -18.11 38.99 5.89
C LEU A 250 -17.88 37.49 5.88
N LYS A 251 -17.49 36.93 7.02
CA LYS A 251 -17.31 35.47 7.12
C LYS A 251 -17.70 34.91 8.48
N LYS A 252 -18.47 33.83 8.43
CA LYS A 252 -18.85 33.08 9.61
C LYS A 252 -18.23 31.69 9.57
N THR A 253 -17.45 31.36 10.61
CA THR A 253 -16.88 30.02 10.78
C THR A 253 -17.85 29.12 11.55
N LYS A 254 -17.48 27.84 11.70
CA LYS A 254 -18.31 26.87 12.42
C LYS A 254 -18.63 27.30 13.86
N THR A 255 -17.84 28.24 14.40
CA THR A 255 -18.00 28.69 15.78
C THR A 255 -18.64 30.08 15.94
N GLY A 256 -18.37 30.99 15.01
CA GLY A 256 -18.89 32.37 15.09
C GLY A 256 -18.41 33.29 13.97
N TYR A 257 -18.16 34.56 14.33
CA TYR A 257 -17.68 35.56 13.36
C TYR A 257 -16.16 35.54 13.24
N SER A 258 -15.66 35.49 12.00
CA SER A 258 -14.23 35.59 11.77
C SER A 258 -13.70 37.01 12.00
N THR A 259 -12.54 37.10 12.64
CA THR A 259 -11.82 38.38 12.78
C THR A 259 -10.40 38.21 12.23
N SER A 260 -10.25 37.32 11.25
CA SER A 260 -8.93 37.04 10.65
C SER A 260 -8.39 38.29 9.97
N ALA A 261 -7.08 38.31 9.73
CA ALA A 261 -6.41 39.45 9.10
C ALA A 261 -7.05 39.80 7.76
N ASP A 262 -7.44 38.77 7.00
CA ASP A 262 -8.07 38.96 5.69
C ASP A 262 -9.40 39.71 5.82
N VAL A 263 -10.23 39.28 6.78
CA VAL A 263 -11.50 39.93 7.08
C VAL A 263 -11.33 41.37 7.56
N LEU A 264 -10.40 41.58 8.49
CA LEU A 264 -10.11 42.92 9.02
C LEU A 264 -9.69 43.90 7.93
N GLU A 265 -8.89 43.43 6.97
CA GLU A 265 -8.45 44.29 5.86
C GLU A 265 -9.65 44.67 4.97
N LYS A 266 -10.54 43.71 4.75
CA LYS A 266 -11.74 43.95 3.92
C LYS A 266 -12.71 44.88 4.63
N LEU A 267 -12.55 45.04 5.94
CA LEU A 267 -13.42 45.91 6.74
C LEU A 267 -12.89 47.34 6.86
N ALA A 268 -11.70 47.57 6.32
CA ALA A 268 -11.04 48.87 6.45
C ALA A 268 -11.86 50.06 5.89
N PRO A 269 -12.68 49.82 4.83
CA PRO A 269 -13.53 50.92 4.33
C PRO A 269 -14.67 51.32 5.26
N TYR A 270 -14.87 50.55 6.34
CA TYR A 270 -16.02 50.72 7.24
C TYR A 270 -15.68 51.38 8.58
N HIS A 271 -14.47 51.12 9.09
CA HIS A 271 -14.04 51.69 10.36
C HIS A 271 -12.52 51.64 10.49
N GLU A 272 -11.94 52.71 11.00
CA GLU A 272 -10.49 52.82 11.18
C GLU A 272 -9.93 51.83 12.22
N ILE A 273 -10.79 51.41 13.16
CA ILE A 273 -10.37 50.54 14.26
C ILE A 273 -9.62 49.28 13.79
N VAL A 274 -10.04 48.73 12.64
CA VAL A 274 -9.47 47.46 12.16
C VAL A 274 -7.98 47.56 11.84
N GLU A 275 -7.53 48.73 11.38
CA GLU A 275 -6.08 48.98 11.22
C GLU A 275 -5.35 48.93 12.56
N ASN A 276 -5.98 49.48 13.61
CA ASN A 276 -5.39 49.46 14.95
C ASN A 276 -5.32 48.03 15.51
N ILE A 277 -6.38 47.26 15.30
CA ILE A 277 -6.44 45.86 15.72
C ILE A 277 -5.35 45.03 15.04
N LEU A 278 -5.19 45.19 13.73
CA LEU A 278 -4.14 44.52 12.97
C LEU A 278 -2.74 44.86 13.51
N HIS A 279 -2.55 46.13 13.80
CA HIS A 279 -1.30 46.62 14.40
C HIS A 279 -1.09 46.02 15.79
N TYR A 280 -2.12 46.03 16.64
CA TYR A 280 -2.05 45.41 17.96
C TYR A 280 -1.63 43.94 17.90
N ARG A 281 -2.27 43.18 17.02
CA ARG A 281 -1.98 41.75 16.87
C ARG A 281 -0.56 41.47 16.40
N GLN A 282 -0.04 42.35 15.56
CA GLN A 282 1.30 42.19 15.03
C GLN A 282 2.36 42.47 16.10
N LEU A 283 2.17 43.54 16.85
CA LEU A 283 3.02 43.83 18.01
C LEU A 283 2.90 42.73 19.07
N GLY A 284 1.67 42.30 19.33
CA GLY A 284 1.37 41.28 20.34
C GLY A 284 2.04 39.94 20.07
N LYS A 285 2.08 39.54 18.80
CA LYS A 285 2.78 38.33 18.38
C LYS A 285 4.27 38.44 18.65
N LEU A 286 4.86 39.58 18.28
CA LEU A 286 6.29 39.81 18.50
C LEU A 286 6.67 39.67 19.98
N GLN A 287 5.87 40.28 20.83
CA GLN A 287 6.04 40.27 22.28
C GLN A 287 5.93 38.86 22.89
N SER A 288 4.77 38.22 22.72
CA SER A 288 4.48 36.96 23.38
C SER A 288 5.32 35.80 22.87
N THR A 289 5.52 35.75 21.54
CA THR A 289 6.19 34.61 20.88
C THR A 289 7.71 34.80 20.73
N TYR A 290 8.10 35.92 20.15
CA TYR A 290 9.50 36.14 19.79
C TYR A 290 10.31 36.97 20.80
N ILE A 291 9.66 37.52 21.82
CA ILE A 291 10.41 38.09 22.95
C ILE A 291 10.24 37.23 24.18
N GLU A 292 9.02 37.18 24.72
CA GLU A 292 8.73 36.44 25.95
C GLU A 292 9.08 34.96 25.79
N GLY A 293 8.64 34.37 24.69
CA GLY A 293 8.79 32.93 24.47
C GLY A 293 10.22 32.50 24.24
N LEU A 294 10.97 33.33 23.52
CA LEU A 294 12.38 33.10 23.25
C LEU A 294 13.22 33.18 24.52
N LEU A 295 13.03 34.27 25.26
CA LEU A 295 13.78 34.51 26.47
C LEU A 295 13.55 33.43 27.53
N LYS A 296 12.36 32.85 27.55
CA LYS A 296 12.03 31.75 28.47
C LYS A 296 12.89 30.50 28.27
N VAL A 297 13.33 30.26 27.03
CA VAL A 297 14.11 29.05 26.71
C VAL A 297 15.61 29.27 26.54
N VAL A 298 16.03 30.52 26.40
CA VAL A 298 17.47 30.81 26.33
C VAL A 298 18.18 30.28 27.59
N ARG A 299 19.30 29.59 27.39
CA ARG A 299 20.11 29.16 28.53
C ARG A 299 20.98 30.34 29.03
N PRO A 300 20.74 30.79 30.27
CA PRO A 300 21.23 32.09 30.76
C PRO A 300 22.75 32.25 30.76
N ALA A 301 23.48 31.17 31.04
CA ALA A 301 24.95 31.25 31.17
C ALA A 301 25.74 31.20 29.85
N THR A 302 25.13 30.67 28.79
CA THR A 302 25.74 30.60 27.46
C THR A 302 25.00 31.51 26.47
N LYS A 303 23.77 31.86 26.86
CA LYS A 303 22.84 32.66 26.05
C LYS A 303 22.43 31.93 24.76
N LYS A 304 22.56 30.60 24.74
CA LYS A 304 22.13 29.83 23.57
C LYS A 304 20.72 29.30 23.70
N VAL A 305 20.06 29.16 22.55
CA VAL A 305 18.82 28.43 22.46
C VAL A 305 19.09 27.13 21.69
N HIS A 306 18.48 26.05 22.15
CA HIS A 306 18.72 24.75 21.56
C HIS A 306 17.39 24.20 21.11
N THR A 307 17.11 24.39 19.83
CA THR A 307 15.87 23.90 19.26
C THR A 307 15.97 22.39 19.12
N ILE A 308 14.83 21.72 18.91
CA ILE A 308 14.85 20.31 18.50
C ILE A 308 14.22 20.26 17.11
N PHE A 309 14.95 19.71 16.13
CA PHE A 309 14.36 19.46 14.81
C PHE A 309 13.70 18.09 14.81
N ASN A 310 12.36 18.07 14.79
CA ASN A 310 11.64 16.83 14.66
C ASN A 310 11.75 16.34 13.22
N GLN A 311 12.43 15.20 13.05
CA GLN A 311 12.73 14.62 11.74
C GLN A 311 11.67 13.59 11.36
N ALA A 312 10.78 13.28 12.27
CA ALA A 312 9.80 12.20 12.05
C ALA A 312 8.38 12.65 12.36
N LEU A 313 8.00 13.82 11.90
CA LEU A 313 6.69 14.37 12.21
C LEU A 313 5.89 14.74 10.96
N THR A 314 6.44 15.52 10.04
CA THR A 314 5.57 16.09 8.97
C THR A 314 5.17 15.03 7.97
N GLN A 315 4.03 15.22 7.36
CA GLN A 315 3.53 14.23 6.40
C GLN A 315 4.21 14.30 5.03
N THR A 316 5.03 15.31 4.79
CA THR A 316 5.63 15.53 3.46
C THR A 316 7.14 15.30 3.48
N GLY A 317 7.71 15.07 4.67
CA GLY A 317 9.15 14.87 4.79
C GLY A 317 9.92 16.13 5.16
N ARG A 318 9.21 17.24 5.35
CA ARG A 318 9.88 18.43 5.94
C ARG A 318 10.33 18.13 7.37
N LEU A 319 11.29 18.92 7.88
CA LEU A 319 11.53 18.95 9.31
C LEU A 319 10.54 19.91 9.97
N SER A 320 10.37 19.78 11.28
CA SER A 320 9.75 20.85 12.10
C SER A 320 10.72 21.23 13.22
N SER A 321 10.48 22.37 13.85
CA SER A 321 11.41 22.90 14.86
C SER A 321 10.59 23.36 16.07
N THR A 322 11.01 22.96 17.28
CA THR A 322 10.25 23.26 18.51
C THR A 322 11.13 23.69 19.68
N GLU A 323 10.48 24.42 20.58
CA GLU A 323 11.02 24.83 21.89
C GLU A 323 12.48 25.36 21.89
N PRO A 324 12.76 26.45 21.15
CA PRO A 324 11.87 27.31 20.36
C PRO A 324 11.77 26.85 18.91
N ASN A 325 10.68 27.24 18.25
CA ASN A 325 10.60 27.12 16.80
C ASN A 325 11.49 28.16 16.13
N LEU A 326 12.55 27.70 15.47
CA LEU A 326 13.47 28.61 14.82
C LEU A 326 13.25 28.67 13.32
N GLN A 327 12.09 28.17 12.89
CA GLN A 327 11.76 28.18 11.48
C GLN A 327 10.64 29.17 11.14
N ASN A 328 10.19 29.93 12.12
CA ASN A 328 9.23 31.01 11.83
C ASN A 328 9.63 32.40 12.36
N ILE A 329 10.93 32.67 12.41
CA ILE A 329 11.39 33.98 12.89
C ILE A 329 11.01 35.05 11.85
N PRO A 330 10.41 36.18 12.32
CA PRO A 330 9.84 37.10 11.33
C PRO A 330 10.85 37.64 10.35
N ILE A 331 10.37 38.00 9.15
CA ILE A 331 11.19 38.60 8.09
C ILE A 331 10.43 39.60 7.20
N ARG A 332 9.13 39.40 7.05
CA ARG A 332 8.33 40.14 6.05
C ARG A 332 8.11 41.60 6.39
N LEU A 333 7.83 41.88 7.66
CA LEU A 333 7.67 43.26 8.16
C LEU A 333 8.93 43.75 8.87
N GLU A 334 9.28 45.01 8.69
CA GLU A 334 10.56 45.53 9.22
C GLU A 334 10.64 45.49 10.75
N GLU A 335 9.54 45.81 11.43
CA GLU A 335 9.48 45.74 12.89
C GLU A 335 9.85 44.36 13.43
N GLY A 336 9.15 43.33 12.96
CA GLY A 336 9.42 41.94 13.36
C GLY A 336 10.78 41.45 12.92
N ARG A 337 11.19 41.85 11.72
CA ARG A 337 12.43 41.41 11.15
C ARG A 337 13.60 41.71 12.07
N LYS A 338 13.50 42.82 12.80
CA LYS A 338 14.56 43.24 13.74
C LYS A 338 14.88 42.23 14.84
N ILE A 339 13.95 41.31 15.14
CA ILE A 339 14.21 40.19 16.05
C ILE A 339 15.49 39.47 15.64
N ARG A 340 15.76 39.46 14.33
CA ARG A 340 16.88 38.73 13.78
C ARG A 340 18.23 39.37 14.13
N GLN A 341 18.21 40.64 14.56
CA GLN A 341 19.44 41.25 15.07
C GLN A 341 19.90 40.58 16.35
N ALA A 342 18.98 39.90 17.03
CA ALA A 342 19.29 39.25 18.29
C ALA A 342 19.90 37.85 18.11
N PHE A 343 19.91 37.36 16.86
CA PHE A 343 20.54 36.07 16.54
C PHE A 343 21.95 36.35 16.03
N VAL A 344 22.93 36.04 16.87
CA VAL A 344 24.34 36.41 16.64
C VAL A 344 25.26 35.18 16.60
N PRO A 345 26.48 35.34 16.04
CA PRO A 345 27.49 34.28 16.10
C PRO A 345 27.95 33.94 17.52
N SER A 346 28.41 32.70 17.67
CA SER A 346 28.71 32.10 18.97
C SER A 346 30.09 32.49 19.47
N GLU A 347 30.94 32.95 18.57
CA GLU A 347 32.29 33.38 18.92
C GLU A 347 32.51 34.79 18.38
N SER A 348 33.45 35.51 18.98
CA SER A 348 33.86 36.80 18.43
C SER A 348 34.52 36.60 17.06
N ASP A 349 34.35 37.59 16.19
CA ASP A 349 34.94 37.61 14.83
C ASP A 349 34.40 36.48 13.93
N TRP A 350 33.29 35.88 14.35
CA TRP A 350 32.51 34.98 13.50
C TRP A 350 31.35 35.75 12.87
N LEU A 351 30.80 35.21 11.78
CA LEU A 351 29.70 35.86 11.06
C LEU A 351 28.58 34.85 10.77
N ILE A 352 27.36 35.36 10.61
CA ILE A 352 26.23 34.53 10.20
C ILE A 352 26.19 34.47 8.67
N PHE A 353 26.04 33.27 8.10
CA PHE A 353 25.93 33.08 6.65
C PHE A 353 24.59 32.39 6.35
N ALA A 354 23.83 32.93 5.38
CA ALA A 354 22.51 32.37 5.00
C ALA A 354 22.38 32.12 3.51
N ALA A 355 21.99 30.91 3.13
CA ALA A 355 21.79 30.60 1.70
C ALA A 355 20.43 29.97 1.44
N ASP A 356 19.71 30.46 0.43
CA ASP A 356 18.33 30.01 0.15
C ASP A 356 18.10 29.63 -1.31
N TYR A 357 17.35 28.55 -1.54
CA TYR A 357 16.89 28.20 -2.87
C TYR A 357 15.85 29.19 -3.34
N SER A 358 15.99 29.60 -4.59
CA SER A 358 15.06 30.49 -5.24
C SER A 358 13.97 29.62 -5.87
N GLN A 359 12.77 29.66 -5.29
CA GLN A 359 11.59 28.99 -5.88
C GLN A 359 11.79 27.51 -6.17
N ILE A 360 12.37 26.80 -5.20
CA ILE A 360 12.61 25.35 -5.32
C ILE A 360 11.33 24.60 -5.67
N GLU A 361 10.20 24.93 -5.03
CA GLU A 361 8.98 24.17 -5.33
C GLU A 361 8.50 24.33 -6.77
N LEU A 362 8.58 25.55 -7.29
CA LEU A 362 8.14 25.79 -8.67
C LEU A 362 9.06 25.11 -9.69
N ARG A 363 10.34 25.04 -9.36
CA ARG A 363 11.33 24.34 -10.19
C ARG A 363 11.09 22.83 -10.15
N VAL A 364 10.86 22.31 -8.96
CA VAL A 364 10.48 20.90 -8.82
C VAL A 364 9.21 20.64 -9.63
N LEU A 365 8.22 21.55 -9.54
CA LEU A 365 6.98 21.40 -10.30
C LEU A 365 7.25 21.33 -11.81
N ALA A 366 8.12 22.22 -12.27
CA ALA A 366 8.51 22.25 -13.67
C ALA A 366 9.09 20.91 -14.11
N HIS A 367 10.01 20.38 -13.30
CA HIS A 367 10.65 19.09 -13.51
C HIS A 367 9.64 17.94 -13.57
N ILE A 368 8.78 17.85 -12.55
CA ILE A 368 7.82 16.74 -12.48
C ILE A 368 6.71 16.83 -13.52
N ALA A 369 6.17 18.02 -13.74
CA ALA A 369 5.10 18.22 -14.72
C ALA A 369 5.58 18.21 -16.18
N GLU A 370 6.85 18.51 -16.38
CA GLU A 370 7.47 18.61 -17.72
C GLU A 370 6.73 19.58 -18.63
N ASP A 371 6.26 20.68 -18.06
CA ASP A 371 5.62 21.74 -18.84
C ASP A 371 6.71 22.52 -19.55
N ASP A 372 6.61 22.60 -20.87
CA ASP A 372 7.65 23.20 -21.68
C ASP A 372 7.86 24.68 -21.34
N ASN A 373 6.74 25.39 -21.23
CA ASN A 373 6.75 26.83 -20.95
C ASN A 373 7.35 27.17 -19.58
N LEU A 374 6.96 26.43 -18.55
CA LEU A 374 7.52 26.63 -17.21
C LEU A 374 9.01 26.27 -17.15
N MET A 375 9.40 25.16 -17.78
CA MET A 375 10.80 24.73 -17.78
C MET A 375 11.72 25.76 -18.46
N GLU A 376 11.25 26.29 -19.59
CA GLU A 376 12.04 27.28 -20.34
C GLU A 376 12.29 28.56 -19.52
N ALA A 377 11.28 28.99 -18.76
CA ALA A 377 11.43 30.12 -17.85
C ALA A 377 12.58 29.95 -16.86
N PHE A 378 12.69 28.76 -16.25
CA PHE A 378 13.74 28.51 -15.29
C PHE A 378 15.09 28.26 -15.95
N ARG A 379 15.07 27.63 -17.12
CA ARG A 379 16.30 27.39 -17.87
C ARG A 379 16.94 28.73 -18.27
N ARG A 380 16.08 29.71 -18.54
CA ARG A 380 16.50 31.05 -18.97
C ARG A 380 16.53 32.06 -17.81
N ASP A 381 16.23 31.58 -16.61
CA ASP A 381 16.14 32.41 -15.40
C ASP A 381 15.34 33.71 -15.57
N LEU A 382 14.14 33.56 -16.14
CA LEU A 382 13.18 34.66 -16.24
C LEU A 382 12.34 34.68 -14.98
N ASP A 383 11.98 35.88 -14.54
CA ASP A 383 11.16 36.05 -13.33
C ASP A 383 9.78 35.41 -13.54
N ILE A 384 9.52 34.31 -12.83
CA ILE A 384 8.31 33.53 -13.06
C ILE A 384 7.02 34.29 -12.66
N HIS A 385 7.13 35.11 -11.62
CA HIS A 385 5.99 35.90 -11.17
C HIS A 385 5.63 36.98 -12.20
N THR A 386 6.65 37.59 -12.80
CA THR A 386 6.42 38.57 -13.87
C THR A 386 5.83 37.91 -15.11
N LYS A 387 6.34 36.73 -15.44
CA LYS A 387 5.88 35.93 -16.58
C LYS A 387 4.41 35.59 -16.43
N THR A 388 4.04 35.06 -15.27
CA THR A 388 2.64 34.73 -15.00
C THR A 388 1.75 35.98 -15.03
N ALA A 389 2.25 37.08 -14.46
CA ALA A 389 1.51 38.36 -14.52
C ALA A 389 1.21 38.78 -15.95
N MET A 390 2.21 38.68 -16.83
CA MET A 390 2.02 38.97 -18.24
C MET A 390 0.95 38.09 -18.89
N ASP A 391 0.89 36.82 -18.48
CA ASP A 391 -0.07 35.89 -19.05
C ASP A 391 -1.48 36.13 -18.50
N ILE A 392 -1.61 36.34 -17.19
CA ILE A 392 -2.94 36.40 -16.59
C ILE A 392 -3.62 37.77 -16.77
N PHE A 393 -2.82 38.82 -16.90
CA PHE A 393 -3.33 40.17 -17.16
C PHE A 393 -3.33 40.49 -18.64
N GLN A 394 -2.65 39.64 -19.43
CA GLN A 394 -2.51 39.80 -20.89
C GLN A 394 -1.89 41.15 -21.29
N VAL A 395 -0.76 41.46 -20.65
CA VAL A 395 -0.02 42.70 -20.90
C VAL A 395 1.46 42.41 -21.20
N SER A 396 2.17 43.43 -21.68
CA SER A 396 3.61 43.32 -21.88
C SER A 396 4.33 43.44 -20.52
N GLU A 397 5.64 43.16 -20.52
CA GLU A 397 6.45 43.13 -19.29
C GLU A 397 6.54 44.47 -18.56
N ASP A 398 6.68 45.56 -19.30
CA ASP A 398 6.75 46.90 -18.71
C ASP A 398 5.46 47.33 -18.03
N GLU A 399 4.34 46.73 -18.43
CA GLU A 399 3.03 47.08 -17.88
C GLU A 399 2.70 46.34 -16.57
N VAL A 400 3.55 45.41 -16.16
CA VAL A 400 3.35 44.71 -14.88
C VAL A 400 3.73 45.59 -13.68
N THR A 401 2.71 45.97 -12.92
CA THR A 401 2.88 46.74 -11.69
C THR A 401 3.26 45.81 -10.54
N PRO A 402 3.85 46.36 -9.45
CA PRO A 402 4.13 45.54 -8.26
C PRO A 402 2.90 44.82 -7.69
N ASN A 403 1.74 45.45 -7.79
CA ASN A 403 0.51 44.83 -7.30
C ASN A 403 0.11 43.63 -8.17
N MET A 404 0.34 43.77 -9.47
CA MET A 404 0.07 42.71 -10.44
C MET A 404 0.98 41.51 -10.20
N ARG A 405 2.26 41.78 -9.91
CA ARG A 405 3.21 40.71 -9.60
C ARG A 405 2.83 39.96 -8.31
N ARG A 406 2.36 40.71 -7.31
CA ARG A 406 1.87 40.08 -6.06
C ARG A 406 0.65 39.18 -6.29
N GLN A 407 -0.25 39.59 -7.18
CA GLN A 407 -1.39 38.73 -7.52
C GLN A 407 -0.89 37.47 -8.24
N ALA A 408 0.05 37.66 -9.17
CA ALA A 408 0.64 36.55 -9.93
C ALA A 408 1.39 35.57 -9.03
N LYS A 409 2.02 36.10 -7.99
CA LYS A 409 2.68 35.30 -6.98
C LYS A 409 1.70 34.29 -6.34
N ALA A 410 0.54 34.79 -5.91
CA ALA A 410 -0.47 33.96 -5.27
C ALA A 410 -1.03 32.94 -6.28
N VAL A 411 -1.08 33.34 -7.55
CA VAL A 411 -1.52 32.44 -8.62
C VAL A 411 -0.51 31.31 -8.80
N ASN A 412 0.77 31.67 -8.95
CA ASN A 412 1.85 30.68 -9.10
C ASN A 412 1.92 29.69 -7.94
N PHE A 413 1.81 30.18 -6.71
CA PHE A 413 1.90 29.33 -5.52
C PHE A 413 0.63 28.48 -5.32
N GLY A 414 -0.52 29.05 -5.62
CA GLY A 414 -1.81 28.43 -5.28
C GLY A 414 -2.41 27.44 -6.26
N ILE A 415 -2.27 27.72 -7.56
CA ILE A 415 -3.01 26.94 -8.57
C ILE A 415 -2.59 25.46 -8.62
N PRO A 416 -1.27 25.19 -8.59
CA PRO A 416 -0.83 23.78 -8.73
C PRO A 416 -1.23 22.93 -7.54
N TYR A 417 -1.58 23.59 -6.43
CA TYR A 417 -2.04 22.91 -5.23
C TYR A 417 -3.56 23.01 -5.06
N GLY A 418 -4.26 23.41 -6.12
CA GLY A 418 -5.70 23.30 -6.15
C GLY A 418 -6.52 24.48 -5.71
N ILE A 419 -5.93 25.67 -5.58
CA ILE A 419 -6.72 26.87 -5.24
C ILE A 419 -7.86 27.06 -6.24
N SER A 420 -9.01 27.52 -5.74
CA SER A 420 -10.17 27.77 -6.61
C SER A 420 -10.31 29.26 -6.87
N ASP A 421 -11.22 29.62 -7.76
CA ASP A 421 -11.52 31.04 -7.99
C ASP A 421 -11.96 31.74 -6.70
N TYR A 422 -12.75 31.05 -5.87
CA TYR A 422 -13.17 31.60 -4.57
C TYR A 422 -11.99 31.94 -3.67
N GLY A 423 -11.08 30.98 -3.48
CA GLY A 423 -9.92 31.22 -2.62
C GLY A 423 -9.04 32.33 -3.14
N LEU A 424 -8.80 32.34 -4.45
CA LEU A 424 -7.99 33.36 -5.07
C LEU A 424 -8.62 34.76 -4.90
N ALA A 425 -9.93 34.84 -5.11
CA ALA A 425 -10.66 36.11 -5.00
C ALA A 425 -10.64 36.61 -3.54
N GLN A 426 -10.78 35.68 -2.61
CA GLN A 426 -10.79 36.03 -1.20
C GLN A 426 -9.42 36.47 -0.72
N ASN A 427 -8.38 35.74 -1.12
N ASN A 427 -8.38 35.74 -1.14
CA ASN A 427 -7.03 36.07 -0.69
CA ASN A 427 -7.01 36.02 -0.70
C ASN A 427 -6.57 37.41 -1.23
C ASN A 427 -6.44 37.31 -1.27
N LEU A 428 -6.83 37.64 -2.50
CA LEU A 428 -6.34 38.84 -3.19
C LEU A 428 -7.30 40.02 -3.10
N ASN A 429 -8.51 39.73 -2.60
CA ASN A 429 -9.61 40.72 -2.51
C ASN A 429 -9.95 41.30 -3.88
N ILE A 430 -10.19 40.40 -4.83
CA ILE A 430 -10.50 40.76 -6.21
C ILE A 430 -11.76 40.05 -6.65
N SER A 431 -12.27 40.47 -7.80
CA SER A 431 -13.41 39.84 -8.45
C SER A 431 -13.22 38.34 -8.64
N ARG A 432 -14.26 37.58 -8.34
CA ARG A 432 -14.26 36.14 -8.49
C ARG A 432 -14.29 35.74 -9.97
N LYS A 433 -14.95 36.57 -10.78
CA LYS A 433 -14.94 36.35 -12.23
C LYS A 433 -13.52 36.53 -12.77
N GLU A 434 -12.83 37.56 -12.30
CA GLU A 434 -11.42 37.84 -12.67
C GLU A 434 -10.46 36.74 -12.18
N ALA A 435 -10.70 36.25 -10.97
CA ALA A 435 -9.91 35.14 -10.43
C ALA A 435 -10.06 33.90 -11.30
N ALA A 436 -11.29 33.62 -11.72
CA ALA A 436 -11.56 32.48 -12.60
C ALA A 436 -10.85 32.62 -13.96
N GLU A 437 -10.78 33.86 -14.47
CA GLU A 437 -10.03 34.14 -15.68
C GLU A 437 -8.54 33.93 -15.49
N PHE A 438 -8.02 34.33 -14.34
CA PHE A 438 -6.62 34.09 -13.99
C PHE A 438 -6.30 32.61 -14.14
N ILE A 439 -7.18 31.76 -13.60
CA ILE A 439 -6.95 30.31 -13.58
C ILE A 439 -6.97 29.73 -14.98
N GLU A 440 -7.98 30.11 -15.78
CA GLU A 440 -8.08 29.66 -17.17
CA GLU A 440 -8.07 29.64 -17.16
C GLU A 440 -6.83 30.04 -17.97
N ARG A 441 -6.40 31.30 -17.83
CA ARG A 441 -5.21 31.80 -18.52
C ARG A 441 -3.92 31.10 -18.07
N TYR A 442 -3.80 30.85 -16.77
CA TYR A 442 -2.64 30.13 -16.27
C TYR A 442 -2.53 28.76 -16.94
N PHE A 443 -3.64 28.03 -16.96
CA PHE A 443 -3.67 26.67 -17.51
C PHE A 443 -3.50 26.61 -19.02
N GLU A 444 -4.00 27.61 -19.72
CA GLU A 444 -3.76 27.70 -21.16
C GLU A 444 -2.29 28.07 -21.45
N SER A 445 -1.62 28.70 -20.48
CA SER A 445 -0.19 29.05 -20.56
C SER A 445 0.78 27.96 -20.07
N PHE A 446 0.39 27.22 -19.03
CA PHE A 446 1.16 26.09 -18.53
C PHE A 446 0.35 24.80 -18.56
N PRO A 447 0.08 24.26 -19.77
CA PRO A 447 -0.86 23.15 -19.85
C PRO A 447 -0.30 21.85 -19.25
N GLY A 448 1.02 21.74 -19.17
CA GLY A 448 1.68 20.60 -18.51
C GLY A 448 1.35 20.54 -17.02
N VAL A 449 1.15 21.71 -16.41
CA VAL A 449 0.76 21.76 -14.98
C VAL A 449 -0.67 21.21 -14.76
N LYS A 450 -1.60 21.56 -15.64
CA LYS A 450 -2.96 21.02 -15.63
C LYS A 450 -2.95 19.49 -15.74
N ARG A 451 -2.14 19.00 -16.67
CA ARG A 451 -1.98 17.56 -16.90
C ARG A 451 -1.35 16.87 -15.69
N TYR A 452 -0.39 17.53 -15.04
CA TYR A 452 0.20 17.03 -13.81
C TYR A 452 -0.85 16.86 -12.71
N MET A 453 -1.68 17.89 -12.51
CA MET A 453 -2.72 17.84 -11.49
C MET A 453 -3.68 16.68 -11.75
N GLU A 454 -4.07 16.49 -13.01
CA GLU A 454 -4.93 15.36 -13.39
C GLU A 454 -4.21 14.02 -13.20
N ASN A 455 -2.98 13.93 -13.66
CA ASN A 455 -2.22 12.67 -13.62
C ASN A 455 -1.85 12.20 -12.22
N ILE A 456 -1.46 13.13 -11.35
CA ILE A 456 -1.02 12.73 -10.00
C ILE A 456 -2.19 12.28 -9.12
N VAL A 457 -3.34 12.90 -9.34
CA VAL A 457 -4.56 12.50 -8.67
C VAL A 457 -4.95 11.09 -9.14
N GLN A 458 -4.90 10.85 -10.44
CA GLN A 458 -5.23 9.52 -10.96
CA GLN A 458 -5.19 9.52 -11.01
C GLN A 458 -4.25 8.47 -10.43
N GLU A 459 -2.96 8.80 -10.39
CA GLU A 459 -1.95 7.90 -9.82
C GLU A 459 -2.23 7.59 -8.34
N ALA A 460 -2.56 8.62 -7.55
CA ALA A 460 -2.92 8.42 -6.15
C ALA A 460 -4.11 7.47 -6.02
N LYS A 461 -5.13 7.67 -6.85
CA LYS A 461 -6.33 6.83 -6.82
C LYS A 461 -5.96 5.37 -7.14
N GLN A 462 -5.06 5.18 -8.08
CA GLN A 462 -4.71 3.82 -8.51
C GLN A 462 -3.77 3.11 -7.57
N LYS A 463 -2.79 3.85 -7.02
CA LYS A 463 -1.78 3.22 -6.16
C LYS A 463 -2.10 3.30 -4.67
N GLY A 464 -2.83 4.32 -4.28
CA GLY A 464 -3.16 4.57 -2.88
C GLY A 464 -2.17 5.50 -2.18
N TYR A 465 -1.20 6.02 -2.94
CA TYR A 465 -0.13 6.87 -2.36
C TYR A 465 0.54 7.69 -3.46
N VAL A 466 1.27 8.72 -3.05
CA VAL A 466 2.11 9.49 -3.97
C VAL A 466 3.56 9.39 -3.48
N THR A 467 4.50 9.68 -4.38
CA THR A 467 5.92 9.47 -4.13
C THR A 467 6.69 10.74 -4.48
N THR A 468 7.81 10.95 -3.80
CA THR A 468 8.68 12.10 -4.10
C THR A 468 9.90 11.63 -4.91
N LEU A 469 10.75 12.58 -5.29
CA LEU A 469 11.93 12.28 -6.10
C LEU A 469 12.85 11.21 -5.50
N LEU A 470 13.07 11.26 -4.20
CA LEU A 470 13.95 10.27 -3.56
C LEU A 470 13.18 9.14 -2.87
N HIS A 471 11.95 8.91 -3.32
CA HIS A 471 11.10 7.75 -2.99
C HIS A 471 10.36 7.82 -1.66
N ARG A 472 10.24 9.01 -1.07
CA ARG A 472 9.39 9.20 0.10
C ARG A 472 7.96 8.98 -0.32
N ARG A 473 7.13 8.41 0.55
CA ARG A 473 5.73 8.16 0.20
C ARG A 473 4.80 8.81 1.19
N ARG A 474 3.61 9.13 0.70
CA ARG A 474 2.48 9.51 1.57
C ARG A 474 1.25 8.79 1.07
N TYR A 475 0.63 8.01 1.95
CA TYR A 475 -0.59 7.28 1.62
C TYR A 475 -1.81 8.18 1.74
N LEU A 476 -2.77 8.02 0.83
CA LEU A 476 -3.94 8.89 0.81
C LEU A 476 -5.21 8.06 0.66
N PRO A 477 -5.57 7.31 1.71
CA PRO A 477 -6.72 6.40 1.62
C PRO A 477 -8.04 7.15 1.42
N ASP A 478 -8.07 8.43 1.75
CA ASP A 478 -9.24 9.29 1.54
C ASP A 478 -9.54 9.65 0.06
N ILE A 479 -8.64 9.32 -0.86
CA ILE A 479 -8.70 9.90 -2.22
C ILE A 479 -9.85 9.45 -3.17
N THR A 480 -10.40 8.27 -2.95
CA THR A 480 -11.50 7.82 -3.82
C THR A 480 -12.86 7.90 -3.11
N SER A 481 -12.88 8.64 -2.01
CA SER A 481 -14.10 8.90 -1.24
C SER A 481 -15.20 9.54 -2.07
N ARG A 482 -16.43 9.11 -1.80
CA ARG A 482 -17.64 9.61 -2.42
C ARG A 482 -17.87 11.09 -2.10
N ASN A 483 -17.50 11.44 -0.86
CA ASN A 483 -17.76 12.75 -0.29
C ASN A 483 -16.82 13.80 -0.85
N PHE A 484 -17.41 14.84 -1.43
CA PHE A 484 -16.66 15.87 -2.14
C PHE A 484 -15.55 16.47 -1.28
N ASN A 485 -15.88 16.86 -0.03
CA ASN A 485 -14.93 17.52 0.86
C ASN A 485 -13.72 16.65 1.19
N VAL A 486 -13.97 15.43 1.69
CA VAL A 486 -12.91 14.46 2.02
C VAL A 486 -12.02 14.12 0.82
N ARG A 487 -12.64 13.82 -0.33
CA ARG A 487 -11.92 13.49 -1.55
C ARG A 487 -11.09 14.67 -2.02
N SER A 488 -11.67 15.87 -1.97
CA SER A 488 -11.02 17.08 -2.47
C SER A 488 -9.77 17.41 -1.68
N PHE A 489 -9.88 17.33 -0.35
CA PHE A 489 -8.69 17.55 0.50
C PHE A 489 -7.57 16.56 0.15
N ALA A 490 -7.92 15.29 0.01
CA ALA A 490 -6.96 14.27 -0.43
C ALA A 490 -6.35 14.55 -1.80
N GLU A 491 -7.16 15.03 -2.74
CA GLU A 491 -6.67 15.34 -4.09
C GLU A 491 -5.65 16.46 -4.06
N ARG A 492 -5.90 17.47 -3.22
CA ARG A 492 -4.96 18.59 -3.11
C ARG A 492 -3.65 18.13 -2.45
N MET A 493 -3.74 17.21 -1.50
CA MET A 493 -2.54 16.59 -0.93
C MET A 493 -1.76 15.82 -1.99
N ALA A 494 -2.48 15.14 -2.89
CA ALA A 494 -1.79 14.40 -3.96
C ALA A 494 -1.04 15.37 -4.86
N MET A 495 -1.62 16.53 -5.13
CA MET A 495 -0.98 17.54 -5.97
C MET A 495 0.24 18.15 -5.25
N ASN A 496 0.10 18.39 -3.95
CA ASN A 496 1.13 19.15 -3.23
C ASN A 496 2.30 18.32 -2.73
N THR A 497 2.02 17.15 -2.18
CA THR A 497 3.07 16.36 -1.50
C THR A 497 4.31 16.00 -2.35
N PRO A 498 4.13 15.60 -3.63
CA PRO A 498 5.33 15.30 -4.42
C PRO A 498 6.23 16.51 -4.59
N ILE A 499 5.64 17.71 -4.62
CA ILE A 499 6.42 18.93 -4.85
C ILE A 499 7.10 19.38 -3.56
N GLN A 500 6.30 19.61 -2.51
CA GLN A 500 6.87 20.00 -1.22
C GLN A 500 7.84 18.92 -0.67
N GLY A 501 7.47 17.65 -0.83
CA GLY A 501 8.29 16.55 -0.33
C GLY A 501 9.59 16.37 -1.10
N SER A 502 9.55 16.53 -2.42
CA SER A 502 10.77 16.47 -3.25
C SER A 502 11.71 17.64 -2.88
N ALA A 503 11.15 18.82 -2.67
CA ALA A 503 11.97 19.94 -2.17
C ALA A 503 12.63 19.60 -0.83
N ALA A 504 11.91 18.92 0.07
CA ALA A 504 12.47 18.47 1.34
C ALA A 504 13.62 17.48 1.13
N ASP A 505 13.43 16.53 0.21
CA ASP A 505 14.45 15.56 -0.14
C ASP A 505 15.73 16.27 -0.57
N ILE A 506 15.58 17.24 -1.47
CA ILE A 506 16.71 17.92 -2.08
C ILE A 506 17.56 18.64 -1.02
N ILE A 507 16.92 19.43 -0.17
CA ILE A 507 17.68 20.17 0.85
C ILE A 507 18.31 19.26 1.91
N LYS A 508 17.69 18.12 2.21
CA LYS A 508 18.28 17.18 3.16
C LYS A 508 19.57 16.60 2.60
N LYS A 509 19.54 16.20 1.33
CA LYS A 509 20.73 15.67 0.68
C LYS A 509 21.81 16.76 0.60
N ALA A 510 21.38 18.00 0.36
CA ALA A 510 22.32 19.13 0.37
C ALA A 510 23.03 19.34 1.72
N MET A 511 22.33 19.15 2.83
CA MET A 511 22.91 19.24 4.17
C MET A 511 23.98 18.20 4.41
N ILE A 512 23.71 16.98 3.96
CA ILE A 512 24.65 15.88 4.12
C ILE A 512 25.90 16.11 3.27
N ASP A 513 25.70 16.47 2.00
CA ASP A 513 26.80 16.81 1.10
C ASP A 513 27.67 17.94 1.68
N LEU A 514 27.02 18.97 2.21
CA LEU A 514 27.72 20.12 2.79
C LEU A 514 28.59 19.77 3.99
N ASN A 515 28.05 19.03 4.97
CA ASN A 515 28.84 18.65 6.14
C ASN A 515 30.10 17.88 5.78
N ALA A 516 29.94 16.95 4.83
CA ALA A 516 31.08 16.21 4.28
C ALA A 516 32.17 17.18 3.78
N ARG A 517 31.79 18.17 2.97
CA ARG A 517 32.76 19.14 2.42
C ARG A 517 33.40 20.06 3.47
N LEU A 518 32.59 20.58 4.40
CA LEU A 518 33.12 21.35 5.53
C LEU A 518 34.14 20.53 6.35
N LYS A 519 33.80 19.26 6.63
CA LYS A 519 34.70 18.31 7.30
C LYS A 519 35.89 17.96 6.41
N GLU A 520 35.65 17.94 5.10
CA GLU A 520 36.67 17.66 4.08
C GLU A 520 37.81 18.68 4.10
N GLU A 521 37.46 19.96 4.10
CA GLU A 521 38.45 21.06 4.05
C GLU A 521 38.77 21.62 5.44
N ARG A 522 38.37 20.87 6.47
CA ARG A 522 38.60 21.21 7.88
C ARG A 522 38.28 22.65 8.25
N LEU A 523 37.15 23.14 7.71
CA LEU A 523 36.68 24.50 7.96
C LEU A 523 35.91 24.53 9.28
N GLN A 524 36.00 25.65 10.00
CA GLN A 524 35.29 25.76 11.28
C GLN A 524 33.79 26.02 11.08
N ALA A 525 33.41 26.39 9.86
CA ALA A 525 32.02 26.65 9.49
C ALA A 525 31.13 25.47 9.85
N HIS A 526 29.97 25.76 10.44
CA HIS A 526 28.99 24.73 10.74
C HIS A 526 27.54 25.21 10.68
N LEU A 527 26.65 24.27 10.40
CA LEU A 527 25.25 24.56 10.27
C LEU A 527 24.62 24.91 11.60
N LEU A 528 23.77 25.94 11.60
CA LEU A 528 22.99 26.25 12.78
C LEU A 528 21.54 25.85 12.58
N LEU A 529 21.03 26.15 11.39
CA LEU A 529 19.58 26.06 11.11
C LEU A 529 19.26 25.66 9.69
N GLN A 530 18.13 24.96 9.55
CA GLN A 530 17.51 24.74 8.25
C GLN A 530 16.12 25.35 8.34
N VAL A 531 15.73 26.10 7.32
CA VAL A 531 14.39 26.71 7.25
C VAL A 531 13.68 26.33 5.93
N HIS A 532 13.50 25.01 5.78
CA HIS A 532 12.74 24.41 4.66
C HIS A 532 13.42 24.49 3.31
N ASP A 533 13.82 25.70 2.89
CA ASP A 533 14.47 25.89 1.59
C ASP A 533 15.70 26.82 1.68
N GLU A 534 16.18 26.99 2.91
CA GLU A 534 17.39 27.77 3.20
C GLU A 534 18.21 27.11 4.31
N LEU A 535 19.53 27.35 4.29
CA LEU A 535 20.43 26.83 5.33
C LEU A 535 21.15 28.00 6.01
N ILE A 536 21.23 28.00 7.34
CA ILE A 536 21.90 29.09 8.06
C ILE A 536 23.13 28.56 8.77
N LEU A 537 24.25 29.24 8.59
CA LEU A 537 25.53 28.80 9.12
C LEU A 537 26.20 29.93 9.92
N GLU A 538 27.19 29.58 10.72
CA GLU A 538 28.12 30.56 11.33
C GLU A 538 29.54 30.10 11.08
N ALA A 539 30.44 31.06 10.92
CA ALA A 539 31.83 30.74 10.60
C ALA A 539 32.72 31.93 10.98
N PRO A 540 34.01 31.67 11.23
CA PRO A 540 34.97 32.79 11.33
C PRO A 540 34.94 33.65 10.07
N LYS A 541 35.06 34.97 10.22
CA LYS A 541 34.91 35.89 9.08
C LYS A 541 35.85 35.54 7.93
N GLU A 542 37.01 34.99 8.25
CA GLU A 542 38.01 34.62 7.26
C GLU A 542 37.52 33.55 6.29
N GLU A 543 36.52 32.77 6.75
CA GLU A 543 35.96 31.66 5.99
C GLU A 543 34.84 32.04 5.00
N MET A 544 34.48 33.33 4.95
CA MET A 544 33.32 33.78 4.15
C MET A 544 33.45 33.64 2.63
N GLU A 545 34.62 33.97 2.07
CA GLU A 545 34.81 33.90 0.62
C GLU A 545 34.78 32.45 0.11
N ARG A 546 35.16 31.52 0.98
CA ARG A 546 35.06 30.10 0.65
C ARG A 546 33.58 29.70 0.62
N LEU A 547 32.89 29.99 1.72
CA LEU A 547 31.45 29.71 1.88
C LEU A 547 30.59 30.27 0.76
N CYS A 548 30.98 31.42 0.20
CA CYS A 548 30.27 32.03 -0.94
C CYS A 548 30.37 31.19 -2.20
N ARG A 549 31.43 30.39 -2.29
CA ARG A 549 31.65 29.48 -3.41
C ARG A 549 31.07 28.10 -3.09
N LEU A 550 31.39 27.58 -1.91
CA LEU A 550 31.08 26.19 -1.54
C LEU A 550 29.59 25.96 -1.30
N VAL A 551 29.00 26.75 -0.41
CA VAL A 551 27.61 26.52 0.00
C VAL A 551 26.60 26.51 -1.18
N PRO A 552 26.63 27.56 -2.04
CA PRO A 552 25.70 27.59 -3.18
C PRO A 552 25.90 26.48 -4.21
N GLU A 553 27.15 26.08 -4.46
CA GLU A 553 27.38 24.99 -5.42
C GLU A 553 26.87 23.64 -4.88
N VAL A 554 27.20 23.33 -3.62
CA VAL A 554 26.74 22.10 -2.97
C VAL A 554 25.21 22.00 -2.96
N MET A 555 24.55 23.11 -2.62
CA MET A 555 23.09 23.16 -2.62
C MET A 555 22.50 22.97 -4.02
N GLU A 556 23.08 23.66 -5.01
CA GLU A 556 22.57 23.60 -6.39
C GLU A 556 22.81 22.27 -7.12
N GLN A 557 23.82 21.51 -6.66
CA GLN A 557 24.17 20.25 -7.31
CA GLN A 557 24.22 20.25 -7.29
C GLN A 557 23.76 19.01 -6.50
N ALA A 558 22.98 19.24 -5.43
CA ALA A 558 22.51 18.12 -4.59
C ALA A 558 21.76 17.08 -5.42
N VAL A 559 20.90 17.54 -6.31
CA VAL A 559 20.28 16.67 -7.31
C VAL A 559 20.40 17.33 -8.65
N THR A 560 20.09 16.56 -9.69
CA THR A 560 20.06 17.07 -11.05
C THR A 560 18.64 16.97 -11.57
N LEU A 561 18.08 18.12 -11.97
CA LEU A 561 16.72 18.20 -12.50
C LEU A 561 16.70 18.62 -13.95
N ARG A 562 15.51 18.56 -14.57
CA ARG A 562 15.27 19.07 -15.93
C ARG A 562 15.40 20.60 -16.02
N VAL A 563 15.56 21.23 -14.85
CA VAL A 563 15.84 22.66 -14.74
C VAL A 563 16.96 22.91 -13.73
N PRO A 564 17.67 24.05 -13.85
CA PRO A 564 18.70 24.35 -12.86
C PRO A 564 18.08 24.66 -11.50
N LEU A 565 18.82 24.37 -10.43
CA LEU A 565 18.51 24.90 -9.10
C LEU A 565 19.32 26.17 -8.88
N LYS A 566 18.69 27.16 -8.26
CA LYS A 566 19.33 28.45 -8.02
C LYS A 566 19.37 28.79 -6.54
N VAL A 567 20.53 29.22 -6.06
CA VAL A 567 20.69 29.54 -4.63
C VAL A 567 21.26 30.94 -4.44
N ASP A 568 20.59 31.72 -3.60
CA ASP A 568 21.10 33.04 -3.19
C ASP A 568 21.71 32.95 -1.80
N TYR A 569 22.62 33.88 -1.50
CA TYR A 569 23.38 33.81 -0.26
C TYR A 569 23.83 35.19 0.22
N HIS A 570 23.93 35.35 1.53
CA HIS A 570 24.37 36.60 2.15
C HIS A 570 25.01 36.27 3.49
N TYR A 571 25.83 37.19 4.00
CA TYR A 571 26.38 37.03 5.34
C TYR A 571 26.51 38.38 6.05
N GLY A 572 26.68 38.34 7.38
CA GLY A 572 26.79 39.56 8.17
C GLY A 572 26.92 39.27 9.65
N SER A 573 26.93 40.34 10.45
CA SER A 573 27.20 40.23 11.88
C SER A 573 26.07 39.63 12.68
N THR A 574 24.87 39.67 12.12
CA THR A 574 23.72 39.03 12.73
C THR A 574 22.90 38.36 11.63
N TRP A 575 21.94 37.55 12.03
CA TRP A 575 21.03 36.93 11.07
C TRP A 575 20.31 38.02 10.26
N TYR A 576 19.89 39.08 10.94
CA TYR A 576 19.30 40.26 10.27
C TYR A 576 20.17 40.76 9.13
N ASP A 577 21.47 40.86 9.40
CA ASP A 577 22.39 41.47 8.46
C ASP A 577 22.78 40.58 7.30
N ALA A 578 22.55 39.28 7.44
CA ALA A 578 22.78 38.32 6.37
C ALA A 578 21.65 38.45 5.34
N LYS A 579 21.50 39.66 4.81
CA LYS A 579 20.46 40.01 3.86
C LYS A 579 21.05 40.65 2.59
N LYS B 1 29.97 -29.23 -13.67
CA LYS B 1 29.59 -27.91 -14.19
C LYS B 1 29.22 -26.92 -13.04
N MET B 2 28.60 -27.42 -11.95
CA MET B 2 28.23 -26.59 -10.79
C MET B 2 28.61 -27.23 -9.46
N ALA B 3 29.44 -26.53 -8.68
CA ALA B 3 29.94 -27.09 -7.41
C ALA B 3 28.84 -27.17 -6.34
N PHE B 4 28.79 -28.29 -5.64
CA PHE B 4 27.92 -28.45 -4.46
C PHE B 4 28.42 -29.59 -3.58
N THR B 5 28.06 -29.52 -2.30
CA THR B 5 28.35 -30.58 -1.34
C THR B 5 27.16 -31.55 -1.31
N LEU B 6 27.45 -32.81 -1.61
CA LEU B 6 26.47 -33.89 -1.46
C LEU B 6 26.58 -34.35 -0.02
N ALA B 7 25.80 -33.71 0.85
CA ALA B 7 26.01 -33.81 2.30
C ALA B 7 25.41 -35.07 2.92
N ASP B 8 26.09 -35.60 3.93
CA ASP B 8 25.65 -36.81 4.62
C ASP B 8 24.96 -36.49 5.94
N ARG B 9 25.11 -35.24 6.38
CA ARG B 9 24.49 -34.73 7.60
C ARG B 9 24.30 -33.22 7.51
N VAL B 10 23.38 -32.70 8.32
CA VAL B 10 23.09 -31.27 8.38
C VAL B 10 24.15 -30.53 9.21
N THR B 11 24.69 -29.45 8.66
CA THR B 11 25.68 -28.63 9.34
C THR B 11 25.11 -27.23 9.60
N GLU B 12 25.74 -26.49 10.52
CA GLU B 12 25.27 -25.17 10.88
C GLU B 12 25.20 -24.20 9.68
N GLU B 13 26.14 -24.33 8.75
CA GLU B 13 26.20 -23.39 7.61
C GLU B 13 25.06 -23.60 6.62
N MET B 14 24.41 -24.77 6.70
CA MET B 14 23.18 -25.02 5.95
C MET B 14 21.96 -24.31 6.55
N LEU B 15 22.12 -23.77 7.77
CA LEU B 15 21.00 -23.19 8.51
C LEU B 15 21.05 -21.66 8.63
N ALA B 16 21.59 -21.03 7.60
CA ALA B 16 21.68 -19.56 7.50
C ALA B 16 20.33 -18.89 7.45
N ASP B 17 20.27 -17.59 7.74
CA ASP B 17 18.98 -16.92 7.89
C ASP B 17 18.37 -16.42 6.56
N LYS B 18 19.03 -16.76 5.45
CA LYS B 18 18.51 -16.51 4.10
C LYS B 18 19.00 -17.65 3.21
N ALA B 19 18.09 -18.32 2.50
CA ALA B 19 18.50 -19.40 1.58
C ALA B 19 17.47 -19.61 0.47
N ALA B 20 17.94 -20.13 -0.67
CA ALA B 20 17.07 -20.79 -1.65
C ALA B 20 16.90 -22.22 -1.20
N LEU B 21 15.66 -22.68 -1.14
CA LEU B 21 15.36 -24.01 -0.64
C LEU B 21 14.53 -24.77 -1.69
N VAL B 22 14.94 -26.02 -1.95
CA VAL B 22 14.19 -26.93 -2.81
C VAL B 22 13.85 -28.16 -1.99
N VAL B 23 12.56 -28.46 -1.93
CA VAL B 23 12.03 -29.67 -1.25
C VAL B 23 11.22 -30.36 -2.32
N GLU B 24 11.86 -31.30 -3.02
CA GLU B 24 11.33 -31.80 -4.27
C GLU B 24 10.27 -32.88 -4.13
N VAL B 25 9.11 -32.60 -4.73
CA VAL B 25 7.99 -33.55 -4.83
C VAL B 25 7.69 -33.71 -6.30
N VAL B 26 8.02 -34.90 -6.82
CA VAL B 26 7.90 -35.19 -8.25
C VAL B 26 6.47 -35.57 -8.65
N GLU B 27 5.73 -36.25 -7.78
CA GLU B 27 4.37 -36.67 -8.13
C GLU B 27 3.52 -35.42 -8.37
N GLU B 28 2.75 -35.39 -9.45
CA GLU B 28 2.00 -34.16 -9.80
C GLU B 28 1.04 -33.78 -8.68
N ASN B 29 0.35 -34.78 -8.14
CA ASN B 29 -0.48 -34.57 -6.96
C ASN B 29 0.35 -34.79 -5.71
N TYR B 30 0.61 -33.71 -4.97
CA TYR B 30 1.54 -33.71 -3.88
C TYR B 30 1.00 -34.14 -2.51
N HIS B 31 -0.28 -34.48 -2.46
CA HIS B 31 -0.87 -34.90 -1.18
C HIS B 31 -0.32 -36.26 -0.78
N ASP B 32 0.29 -36.30 0.40
CA ASP B 32 0.89 -37.53 0.96
C ASP B 32 1.86 -38.16 -0.06
N ALA B 33 2.59 -37.31 -0.77
CA ALA B 33 3.54 -37.77 -1.78
C ALA B 33 4.95 -37.74 -1.23
N PRO B 34 5.84 -38.60 -1.74
CA PRO B 34 7.21 -38.66 -1.28
C PRO B 34 7.99 -37.37 -1.55
N ILE B 35 8.86 -37.00 -0.63
CA ILE B 35 9.86 -35.96 -0.90
C ILE B 35 11.14 -36.69 -1.33
N VAL B 36 11.67 -36.32 -2.50
CA VAL B 36 12.71 -37.14 -3.16
C VAL B 36 14.12 -36.60 -2.93
N GLY B 37 14.22 -35.34 -2.54
CA GLY B 37 15.51 -34.73 -2.23
C GLY B 37 15.35 -33.28 -1.84
N ILE B 38 16.40 -32.74 -1.25
CA ILE B 38 16.40 -31.37 -0.75
C ILE B 38 17.66 -30.68 -1.22
N ALA B 39 17.53 -29.42 -1.66
CA ALA B 39 18.68 -28.57 -1.91
C ALA B 39 18.58 -27.24 -1.19
N VAL B 40 19.73 -26.76 -0.74
CA VAL B 40 19.84 -25.50 -0.05
C VAL B 40 20.99 -24.72 -0.71
N VAL B 41 20.71 -23.48 -1.11
CA VAL B 41 21.77 -22.58 -1.57
C VAL B 41 21.76 -21.32 -0.72
N ASN B 42 22.90 -20.94 -0.15
CA ASN B 42 22.94 -19.74 0.66
C ASN B 42 24.31 -19.08 0.55
N GLU B 43 24.60 -18.12 1.43
CA GLU B 43 25.88 -17.39 1.37
C GLU B 43 27.10 -18.32 1.50
N HIS B 44 26.91 -19.46 2.15
CA HIS B 44 27.99 -20.37 2.49
C HIS B 44 28.29 -21.42 1.43
N GLY B 45 27.36 -21.62 0.50
CA GLY B 45 27.58 -22.59 -0.57
C GLY B 45 26.28 -23.25 -1.02
N ARG B 46 26.43 -24.39 -1.67
CA ARG B 46 25.32 -25.16 -2.25
C ARG B 46 25.35 -26.57 -1.67
N PHE B 47 24.18 -27.06 -1.24
CA PHE B 47 24.11 -28.32 -0.49
C PHE B 47 22.96 -29.17 -1.00
N PHE B 48 23.21 -30.47 -1.16
CA PHE B 48 22.14 -31.43 -1.41
C PHE B 48 21.99 -32.33 -0.20
N LEU B 49 20.74 -32.57 0.20
CA LEU B 49 20.44 -33.43 1.34
C LEU B 49 19.43 -34.52 1.01
N ARG B 50 19.69 -35.70 1.55
CA ARG B 50 18.75 -36.79 1.48
C ARG B 50 17.63 -36.50 2.48
N PRO B 51 16.36 -36.68 2.07
CA PRO B 51 15.23 -36.33 2.93
C PRO B 51 15.20 -37.15 4.21
N GLU B 52 15.52 -38.44 4.11
CA GLU B 52 15.53 -39.31 5.30
C GLU B 52 16.48 -38.77 6.39
N THR B 53 17.54 -38.09 5.94
CA THR B 53 18.50 -37.43 6.80
C THR B 53 17.97 -36.12 7.38
N ALA B 54 17.72 -35.16 6.48
CA ALA B 54 17.38 -33.79 6.86
C ALA B 54 16.08 -33.71 7.66
N LEU B 55 15.08 -34.47 7.24
CA LEU B 55 13.76 -34.35 7.84
C LEU B 55 13.65 -35.00 9.22
N ALA B 56 14.70 -35.75 9.60
CA ALA B 56 14.81 -36.37 10.93
C ALA B 56 15.74 -35.57 11.84
N ASP B 57 16.40 -34.57 11.26
CA ASP B 57 17.34 -33.74 12.00
C ASP B 57 16.60 -32.60 12.71
N PRO B 58 16.63 -32.60 14.07
CA PRO B 58 15.88 -31.58 14.80
C PRO B 58 16.25 -30.16 14.43
N GLN B 59 17.51 -29.91 14.12
CA GLN B 59 17.98 -28.56 13.82
C GLN B 59 17.46 -28.12 12.46
N PHE B 60 17.43 -29.03 11.50
CA PHE B 60 16.90 -28.74 10.17
C PHE B 60 15.40 -28.51 10.24
N VAL B 61 14.69 -29.36 10.97
CA VAL B 61 13.26 -29.18 11.15
C VAL B 61 12.96 -27.86 11.86
N ALA B 62 13.75 -27.51 12.87
CA ALA B 62 13.57 -26.24 13.56
C ALA B 62 13.77 -25.07 12.58
N TRP B 63 14.78 -25.21 11.72
CA TRP B 63 15.10 -24.20 10.72
C TRP B 63 13.93 -24.02 9.73
N LEU B 64 13.40 -25.13 9.22
CA LEU B 64 12.23 -25.07 8.32
C LEU B 64 11.07 -24.30 8.95
N GLY B 65 10.85 -24.53 10.25
CA GLY B 65 9.69 -23.94 10.93
C GLY B 65 9.88 -22.55 11.51
N ASP B 66 11.08 -21.99 11.40
CA ASP B 66 11.40 -20.69 11.99
C ASP B 66 11.12 -19.60 10.95
N GLU B 67 10.15 -18.75 11.23
CA GLU B 67 9.75 -17.71 10.28
C GLU B 67 10.83 -16.63 10.07
N THR B 68 11.81 -16.54 10.99
CA THR B 68 12.89 -15.55 10.84
C THR B 68 14.02 -16.04 9.92
N LYS B 69 13.97 -17.32 9.56
CA LYS B 69 14.91 -17.89 8.63
C LYS B 69 14.18 -17.88 7.29
N LYS B 70 14.62 -16.99 6.40
CA LYS B 70 13.83 -16.72 5.19
C LYS B 70 14.22 -17.66 4.06
N LYS B 71 13.20 -18.18 3.38
CA LYS B 71 13.45 -19.08 2.26
C LYS B 71 12.88 -18.54 0.97
N SER B 72 13.65 -18.68 -0.11
CA SER B 72 13.15 -18.42 -1.45
CA SER B 72 13.16 -18.42 -1.46
C SER B 72 12.97 -19.77 -2.14
N MET B 73 11.81 -19.95 -2.75
CA MET B 73 11.41 -21.24 -3.30
C MET B 73 10.68 -21.06 -4.63
N PHE B 74 10.35 -22.18 -5.25
CA PHE B 74 9.43 -22.23 -6.39
C PHE B 74 8.34 -23.22 -6.04
N ASP B 75 7.08 -22.75 -6.02
CA ASP B 75 5.90 -23.55 -5.63
C ASP B 75 6.03 -24.01 -4.17
N SER B 76 6.07 -23.03 -3.28
CA SER B 76 6.19 -23.29 -1.87
C SER B 76 4.98 -24.03 -1.30
N LYS B 77 3.80 -23.82 -1.90
CA LYS B 77 2.62 -24.57 -1.41
C LYS B 77 2.79 -26.10 -1.60
N ARG B 78 3.31 -26.54 -2.74
CA ARG B 78 3.65 -27.97 -2.97
C ARG B 78 4.54 -28.51 -1.85
N ALA B 79 5.60 -27.76 -1.52
CA ALA B 79 6.50 -28.17 -0.45
C ALA B 79 5.81 -28.17 0.91
N ALA B 80 5.08 -27.10 1.20
CA ALA B 80 4.40 -26.96 2.50
C ALA B 80 3.41 -28.09 2.73
N VAL B 81 2.63 -28.44 1.71
CA VAL B 81 1.61 -29.48 1.90
C VAL B 81 2.24 -30.86 2.04
N ALA B 82 3.17 -31.18 1.15
CA ALA B 82 3.91 -32.42 1.28
C ALA B 82 4.52 -32.57 2.67
N LEU B 83 5.09 -31.48 3.20
CA LEU B 83 5.67 -31.48 4.55
C LEU B 83 4.60 -31.61 5.66
N LYS B 84 3.44 -30.96 5.49
CA LYS B 84 2.34 -31.13 6.43
C LYS B 84 1.94 -32.61 6.58
N TRP B 85 1.94 -33.34 5.46
CA TRP B 85 1.59 -34.77 5.47
C TRP B 85 2.63 -35.61 6.22
N LYS B 86 3.83 -35.05 6.39
CA LYS B 86 4.86 -35.66 7.26
C LYS B 86 4.98 -35.05 8.66
N GLY B 87 4.03 -34.18 9.01
CA GLY B 87 3.98 -33.53 10.32
C GLY B 87 5.02 -32.43 10.53
N ILE B 88 5.48 -31.84 9.43
CA ILE B 88 6.54 -30.82 9.48
C ILE B 88 6.01 -29.49 8.96
N GLU B 89 6.24 -28.44 9.74
CA GLU B 89 5.80 -27.07 9.40
C GLU B 89 6.90 -26.32 8.66
N LEU B 90 6.52 -25.71 7.54
CA LEU B 90 7.39 -24.83 6.76
C LEU B 90 6.92 -23.38 6.96
N CYS B 91 7.83 -22.54 7.44
CA CYS B 91 7.56 -21.12 7.64
C CYS B 91 8.68 -20.31 7.04
N GLY B 92 8.46 -19.00 6.93
CA GLY B 92 9.50 -18.07 6.49
C GLY B 92 9.74 -17.97 4.99
N VAL B 93 8.79 -18.41 4.18
CA VAL B 93 8.94 -18.30 2.72
C VAL B 93 8.67 -16.86 2.32
N SER B 94 9.73 -16.16 1.91
CA SER B 94 9.65 -14.73 1.59
C SER B 94 9.63 -14.46 0.11
N PHE B 95 9.89 -15.50 -0.68
CA PHE B 95 9.84 -15.34 -2.14
C PHE B 95 9.47 -16.64 -2.82
N ASP B 96 8.45 -16.60 -3.68
CA ASP B 96 8.02 -17.77 -4.44
C ASP B 96 8.11 -17.45 -5.93
N LEU B 97 9.08 -18.06 -6.60
CA LEU B 97 9.34 -17.79 -8.01
C LEU B 97 8.19 -18.17 -8.95
N LEU B 98 7.42 -19.20 -8.59
CA LEU B 98 6.26 -19.57 -9.39
C LEU B 98 5.26 -18.44 -9.37
N LEU B 99 4.94 -17.94 -8.18
CA LEU B 99 3.97 -16.85 -8.06
C LEU B 99 4.48 -15.54 -8.64
N ALA B 100 5.78 -15.26 -8.48
CA ALA B 100 6.39 -14.06 -9.10
C ALA B 100 6.24 -14.09 -10.63
N ALA B 101 6.59 -15.21 -11.26
CA ALA B 101 6.49 -15.35 -12.71
C ALA B 101 5.05 -15.26 -13.17
N TYR B 102 4.15 -15.87 -12.40
CA TYR B 102 2.73 -15.81 -12.72
C TYR B 102 2.20 -14.37 -12.76
N LEU B 103 2.57 -13.57 -11.77
CA LEU B 103 2.14 -12.18 -11.73
C LEU B 103 2.74 -11.38 -12.87
N LEU B 104 4.01 -11.63 -13.19
CA LEU B 104 4.68 -10.89 -14.29
C LEU B 104 4.03 -11.18 -15.65
N ASP B 105 3.63 -12.42 -15.89
CA ASP B 105 2.93 -12.74 -17.15
C ASP B 105 2.23 -14.07 -17.06
N PRO B 106 0.92 -14.03 -16.78
CA PRO B 106 0.24 -15.32 -16.60
C PRO B 106 0.16 -16.17 -17.87
N ALA B 107 0.34 -15.54 -19.02
CA ALA B 107 0.25 -16.23 -20.29
C ALA B 107 1.48 -17.10 -20.62
N GLN B 108 2.58 -16.86 -19.93
CA GLN B 108 3.81 -17.63 -20.20
C GLN B 108 3.62 -19.09 -19.79
N GLY B 109 2.67 -19.35 -18.89
CA GLY B 109 2.38 -20.74 -18.49
C GLY B 109 3.54 -21.40 -17.76
N VAL B 110 4.30 -20.58 -17.03
CA VAL B 110 5.44 -21.08 -16.26
C VAL B 110 4.97 -22.15 -15.27
N ASP B 111 5.58 -23.32 -15.36
CA ASP B 111 5.31 -24.39 -14.39
C ASP B 111 6.55 -25.20 -13.96
N ASP B 112 7.73 -24.68 -14.28
CA ASP B 112 8.96 -25.16 -13.62
C ASP B 112 9.98 -24.04 -13.51
N VAL B 113 11.03 -24.27 -12.73
CA VAL B 113 12.06 -23.24 -12.51
C VAL B 113 12.69 -22.84 -13.86
N ALA B 114 12.94 -23.82 -14.73
CA ALA B 114 13.57 -23.51 -16.03
C ALA B 114 12.77 -22.51 -16.84
N ALA B 115 11.43 -22.68 -16.88
CA ALA B 115 10.58 -21.73 -17.61
C ALA B 115 10.58 -20.32 -17.00
N ALA B 116 10.56 -20.22 -15.66
CA ALA B 116 10.66 -18.91 -15.01
C ALA B 116 12.02 -18.26 -15.34
N ALA B 117 13.07 -19.07 -15.28
CA ALA B 117 14.45 -18.61 -15.45
C ALA B 117 14.65 -18.10 -16.88
N LYS B 118 14.07 -18.82 -17.83
CA LYS B 118 14.23 -18.50 -19.23
C LYS B 118 13.64 -17.12 -19.55
N MET B 119 12.72 -16.64 -18.71
CA MET B 119 12.15 -15.30 -18.91
C MET B 119 13.21 -14.21 -18.88
N LYS B 120 14.24 -14.43 -18.07
CA LYS B 120 15.31 -13.45 -17.82
C LYS B 120 16.66 -13.97 -18.31
N GLN B 121 16.60 -14.79 -19.35
CA GLN B 121 17.79 -15.26 -20.10
C GLN B 121 18.72 -16.08 -19.22
N TYR B 122 18.14 -16.77 -18.24
CA TYR B 122 18.90 -17.64 -17.37
C TYR B 122 18.58 -19.07 -17.78
N GLU B 123 19.62 -19.81 -18.23
CA GLU B 123 19.41 -21.14 -18.78
C GLU B 123 20.34 -22.22 -18.18
N ALA B 124 20.90 -21.95 -16.99
CA ALA B 124 21.82 -22.90 -16.35
C ALA B 124 21.05 -23.90 -15.45
N VAL B 125 19.96 -24.41 -15.99
CA VAL B 125 19.03 -25.30 -15.25
C VAL B 125 18.22 -26.02 -16.32
N ARG B 126 17.89 -27.29 -16.08
CA ARG B 126 17.13 -28.08 -17.04
C ARG B 126 15.66 -27.99 -16.71
N PRO B 127 14.79 -28.12 -17.74
CA PRO B 127 13.36 -28.31 -17.48
C PRO B 127 13.09 -29.61 -16.73
N ASP B 128 12.08 -29.58 -15.86
CA ASP B 128 11.79 -30.77 -15.05
C ASP B 128 11.49 -31.97 -15.95
N GLU B 129 10.80 -31.72 -17.05
CA GLU B 129 10.42 -32.78 -17.98
C GLU B 129 11.64 -33.48 -18.59
N ALA B 130 12.71 -32.71 -18.81
CA ALA B 130 13.96 -33.28 -19.33
C ALA B 130 14.61 -34.24 -18.33
N VAL B 131 14.40 -33.97 -17.05
CA VAL B 131 15.03 -34.72 -15.98
C VAL B 131 14.18 -35.91 -15.56
N TYR B 132 12.87 -35.71 -15.42
CA TYR B 132 11.99 -36.76 -14.89
C TYR B 132 11.29 -37.58 -15.97
N GLY B 133 11.23 -37.05 -17.18
CA GLY B 133 10.51 -37.69 -18.29
C GLY B 133 9.04 -37.36 -18.23
N LYS B 134 8.27 -37.88 -19.18
CA LYS B 134 6.81 -37.68 -19.20
C LYS B 134 6.02 -38.95 -19.54
N GLY B 135 4.87 -39.10 -18.89
CA GLY B 135 4.00 -40.27 -19.08
C GLY B 135 4.41 -41.51 -18.30
N ALA B 136 4.38 -42.65 -18.99
CA ALA B 136 4.78 -43.94 -18.40
C ALA B 136 6.28 -44.01 -18.11
N LYS B 137 7.07 -43.23 -18.84
CA LYS B 137 8.53 -43.21 -18.67
C LYS B 137 9.03 -42.23 -17.59
N ARG B 138 8.10 -41.62 -16.85
CA ARG B 138 8.44 -40.71 -15.76
C ARG B 138 9.06 -41.46 -14.59
N ALA B 139 10.14 -40.90 -14.03
CA ALA B 139 10.89 -41.54 -12.95
C ALA B 139 11.89 -40.58 -12.30
N VAL B 140 12.13 -40.77 -11.00
CA VAL B 140 13.21 -40.10 -10.29
C VAL B 140 14.55 -40.66 -10.79
N PRO B 141 15.48 -39.79 -11.23
CA PRO B 141 16.73 -40.31 -11.80
C PRO B 141 17.73 -40.74 -10.72
N ASP B 142 18.88 -41.25 -11.14
CA ASP B 142 19.96 -41.61 -10.21
C ASP B 142 20.35 -40.42 -9.36
N GLU B 143 20.81 -40.69 -8.14
CA GLU B 143 21.13 -39.63 -7.20
C GLU B 143 22.01 -38.48 -7.74
N PRO B 144 23.13 -38.79 -8.43
CA PRO B 144 23.95 -37.68 -8.93
C PRO B 144 23.18 -36.76 -9.87
N VAL B 145 22.30 -37.33 -10.69
CA VAL B 145 21.49 -36.58 -11.64
C VAL B 145 20.48 -35.75 -10.86
N LEU B 146 19.78 -36.41 -9.94
CA LEU B 146 18.79 -35.71 -9.09
C LEU B 146 19.42 -34.56 -8.32
N ALA B 147 20.58 -34.82 -7.71
CA ALA B 147 21.23 -33.84 -6.87
C ALA B 147 21.64 -32.61 -7.66
N GLU B 148 22.25 -32.83 -8.82
CA GLU B 148 22.65 -31.68 -9.63
C GLU B 148 21.42 -30.87 -10.05
N HIS B 149 20.36 -31.55 -10.45
CA HIS B 149 19.14 -30.82 -10.84
C HIS B 149 18.56 -29.96 -9.73
N LEU B 150 18.40 -30.52 -8.53
CA LEU B 150 17.87 -29.74 -7.41
C LEU B 150 18.74 -28.57 -7.01
N VAL B 151 20.05 -28.78 -7.00
CA VAL B 151 20.99 -27.71 -6.72
C VAL B 151 20.93 -26.60 -7.77
N ARG B 152 20.87 -26.99 -9.05
CA ARG B 152 20.70 -26.01 -10.12
C ARG B 152 19.40 -25.22 -10.02
N LYS B 153 18.31 -25.89 -9.64
CA LYS B 153 17.05 -25.16 -9.40
C LYS B 153 17.20 -24.17 -8.25
N ALA B 154 17.79 -24.60 -7.14
CA ALA B 154 18.04 -23.71 -6.00
C ALA B 154 18.92 -22.54 -6.38
N ALA B 155 19.98 -22.81 -7.13
CA ALA B 155 20.88 -21.71 -7.56
C ALA B 155 20.15 -20.72 -8.46
N ALA B 156 19.26 -21.23 -9.33
CA ALA B 156 18.46 -20.36 -10.19
C ALA B 156 17.57 -19.44 -9.35
N ILE B 157 16.88 -20.03 -8.38
CA ILE B 157 16.03 -19.23 -7.48
C ILE B 157 16.84 -18.16 -6.72
N TRP B 158 17.99 -18.55 -6.20
CA TRP B 158 18.93 -17.67 -5.50
C TRP B 158 19.31 -16.44 -6.34
N GLU B 159 19.58 -16.67 -7.61
CA GLU B 159 20.03 -15.61 -8.51
C GLU B 159 18.90 -14.74 -9.04
N LEU B 160 17.72 -15.34 -9.21
CA LEU B 160 16.59 -14.68 -9.87
C LEU B 160 15.69 -13.89 -8.95
N GLU B 161 15.82 -14.08 -7.63
CA GLU B 161 14.96 -13.35 -6.70
C GLU B 161 15.02 -11.84 -6.95
N ARG B 162 16.25 -11.30 -6.96
CA ARG B 162 16.41 -9.86 -7.09
C ARG B 162 15.82 -9.29 -8.40
N PRO B 163 16.18 -9.85 -9.57
CA PRO B 163 15.61 -9.28 -10.79
C PRO B 163 14.09 -9.43 -10.90
N PHE B 164 13.53 -10.51 -10.35
CA PHE B 164 12.07 -10.65 -10.29
C PHE B 164 11.40 -9.63 -9.37
N LEU B 165 11.98 -9.42 -8.19
CA LEU B 165 11.39 -8.46 -7.25
C LEU B 165 11.51 -7.05 -7.81
N ASP B 166 12.62 -6.76 -8.49
CA ASP B 166 12.77 -5.45 -9.09
C ASP B 166 11.76 -5.19 -10.18
N GLU B 167 11.50 -6.18 -11.03
CA GLU B 167 10.48 -6.03 -12.06
C GLU B 167 9.06 -5.90 -11.45
N LEU B 168 8.77 -6.69 -10.42
CA LEU B 168 7.47 -6.55 -9.74
C LEU B 168 7.25 -5.14 -9.19
N ARG B 169 8.29 -4.57 -8.57
CA ARG B 169 8.25 -3.18 -8.10
C ARG B 169 7.92 -2.23 -9.26
N ARG B 170 8.63 -2.38 -10.39
CA ARG B 170 8.32 -1.55 -11.57
C ARG B 170 6.87 -1.61 -12.02
N ASN B 171 6.28 -2.80 -11.92
CA ASN B 171 4.92 -3.08 -12.38
C ASN B 171 3.86 -2.74 -11.32
N GLU B 172 4.28 -2.25 -10.15
CA GLU B 172 3.36 -2.04 -9.00
C GLU B 172 2.80 -3.35 -8.48
N GLN B 173 3.60 -4.41 -8.55
CA GLN B 173 3.16 -5.76 -8.14
C GLN B 173 3.92 -6.31 -6.96
N ASP B 174 4.74 -5.47 -6.33
CA ASP B 174 5.54 -5.91 -5.20
C ASP B 174 4.68 -6.34 -4.00
N ARG B 175 3.65 -5.56 -3.70
CA ARG B 175 2.72 -5.91 -2.63
C ARG B 175 1.77 -7.01 -3.08
N LEU B 176 1.45 -7.04 -4.36
CA LEU B 176 0.60 -8.10 -4.88
C LEU B 176 1.26 -9.48 -4.61
N LEU B 177 2.59 -9.57 -4.78
CA LEU B 177 3.26 -10.85 -4.45
C LEU B 177 3.32 -11.09 -2.92
N VAL B 178 3.92 -10.15 -2.19
CA VAL B 178 4.30 -10.38 -0.80
C VAL B 178 3.18 -10.23 0.22
N GLU B 179 2.21 -9.35 -0.08
CA GLU B 179 1.08 -9.09 0.81
C GLU B 179 -0.19 -9.84 0.41
N LEU B 180 -0.23 -10.34 -0.82
CA LEU B 180 -1.44 -11.04 -1.29
C LEU B 180 -1.16 -12.52 -1.68
N GLU B 181 -0.44 -12.74 -2.78
CA GLU B 181 -0.31 -14.13 -3.27
C GLU B 181 0.47 -15.04 -2.34
N GLN B 182 1.56 -14.56 -1.76
CA GLN B 182 2.36 -15.41 -0.87
C GLN B 182 1.58 -15.78 0.43
N PRO B 183 0.98 -14.79 1.11
CA PRO B 183 0.17 -15.16 2.28
C PRO B 183 -1.00 -16.08 1.90
N LEU B 184 -1.61 -15.86 0.74
CA LEU B 184 -2.72 -16.72 0.30
C LEU B 184 -2.22 -18.15 0.11
N SER B 185 -1.01 -18.28 -0.41
CA SER B 185 -0.45 -19.62 -0.66
C SER B 185 -0.44 -20.47 0.60
N SER B 186 -0.07 -19.86 1.73
CA SER B 186 -0.07 -20.58 2.99
C SER B 186 -1.45 -20.98 3.43
N ILE B 187 -2.43 -20.11 3.17
CA ILE B 187 -3.82 -20.37 3.52
C ILE B 187 -4.38 -21.50 2.65
N LEU B 188 -4.08 -21.47 1.35
CA LEU B 188 -4.52 -22.55 0.47
C LEU B 188 -3.90 -23.87 0.92
N ALA B 189 -2.63 -23.83 1.33
CA ALA B 189 -1.97 -25.07 1.85
C ALA B 189 -2.74 -25.67 3.03
N GLU B 190 -3.13 -24.81 3.97
CA GLU B 190 -3.98 -25.24 5.11
C GLU B 190 -5.29 -25.88 4.64
N MET B 191 -5.97 -25.20 3.71
CA MET B 191 -7.27 -25.65 3.21
C MET B 191 -7.15 -27.01 2.53
N GLU B 192 -6.15 -27.14 1.65
CA GLU B 192 -5.93 -28.40 0.94
C GLU B 192 -5.62 -29.53 1.90
N PHE B 193 -4.79 -29.23 2.91
CA PHE B 193 -4.36 -30.28 3.83
C PHE B 193 -5.50 -30.70 4.74
N ALA B 194 -6.35 -29.75 5.12
CA ALA B 194 -7.53 -30.05 5.95
C ALA B 194 -8.44 -31.03 5.22
N GLY B 195 -8.69 -30.73 3.94
CA GLY B 195 -9.63 -31.48 3.14
C GLY B 195 -11.08 -31.26 3.55
N VAL B 196 -11.98 -31.92 2.82
CA VAL B 196 -13.41 -31.86 3.13
C VAL B 196 -13.90 -33.29 3.33
N LYS B 197 -14.62 -33.49 4.42
CA LYS B 197 -15.16 -34.83 4.69
C LYS B 197 -16.38 -35.15 3.82
N VAL B 198 -16.41 -36.39 3.33
CA VAL B 198 -17.45 -36.88 2.43
C VAL B 198 -18.21 -38.05 3.08
N ASP B 199 -19.53 -38.02 2.97
CA ASP B 199 -20.41 -39.12 3.42
C ASP B 199 -20.46 -40.10 2.27
N THR B 200 -19.54 -41.06 2.28
CA THR B 200 -19.38 -41.97 1.15
C THR B 200 -20.58 -42.91 1.00
N LYS B 201 -21.16 -43.31 2.12
CA LYS B 201 -22.36 -44.17 2.09
C LYS B 201 -23.50 -43.47 1.36
N ARG B 202 -23.68 -42.17 1.60
CA ARG B 202 -24.65 -41.41 0.86
C ARG B 202 -24.32 -41.38 -0.62
N LEU B 203 -23.06 -41.15 -0.97
CA LEU B 203 -22.64 -41.19 -2.38
C LEU B 203 -22.85 -42.57 -3.04
N GLU B 204 -22.52 -43.64 -2.31
CA GLU B 204 -22.65 -45.03 -2.79
C GLU B 204 -24.13 -45.37 -2.99
N GLN B 205 -24.96 -44.91 -2.07
CA GLN B 205 -26.41 -45.07 -2.19
C GLN B 205 -26.95 -44.31 -3.41
N MET B 206 -26.53 -43.05 -3.54
CA MET B 206 -26.92 -42.23 -4.70
CA MET B 206 -26.89 -42.23 -4.70
C MET B 206 -26.46 -42.86 -6.03
N GLY B 207 -25.26 -43.42 -6.03
CA GLY B 207 -24.69 -44.08 -7.22
C GLY B 207 -25.45 -45.35 -7.62
N LYS B 208 -25.86 -46.13 -6.63
CA LYS B 208 -26.67 -47.33 -6.88
C LYS B 208 -28.02 -46.95 -7.49
N GLU B 209 -28.69 -45.98 -6.87
CA GLU B 209 -29.97 -45.48 -7.37
C GLU B 209 -29.83 -44.91 -8.78
N LEU B 210 -28.68 -44.30 -9.05
CA LEU B 210 -28.44 -43.59 -10.31
C LEU B 210 -28.16 -44.52 -11.48
N ALA B 211 -27.53 -45.66 -11.18
CA ALA B 211 -27.23 -46.68 -12.18
C ALA B 211 -28.52 -47.29 -12.71
N GLU B 212 -29.45 -47.54 -11.79
CA GLU B 212 -30.75 -48.10 -12.13
C GLU B 212 -31.56 -47.10 -12.98
N GLN B 213 -31.57 -45.84 -12.55
CA GLN B 213 -32.28 -44.78 -13.27
C GLN B 213 -31.68 -44.53 -14.66
N LEU B 214 -30.37 -44.63 -14.77
CA LEU B 214 -29.66 -44.44 -16.03
C LEU B 214 -30.05 -45.51 -17.05
N GLY B 215 -30.15 -46.75 -16.59
CA GLY B 215 -30.52 -47.88 -17.42
C GLY B 215 -31.88 -47.71 -18.07
N THR B 216 -32.86 -47.28 -17.27
CA THR B 216 -34.22 -47.08 -17.75
C THR B 216 -34.31 -45.93 -18.76
N VAL B 217 -33.54 -44.87 -18.53
CA VAL B 217 -33.50 -43.72 -19.43
C VAL B 217 -32.80 -44.06 -20.75
N GLU B 218 -31.76 -44.88 -20.65
CA GLU B 218 -31.00 -45.34 -21.81
C GLU B 218 -31.88 -46.17 -22.75
N GLN B 219 -32.68 -47.07 -22.18
CA GLN B 219 -33.57 -47.91 -22.97
C GLN B 219 -34.69 -47.10 -23.60
N ARG B 220 -35.25 -46.18 -22.83
CA ARG B 220 -36.28 -45.27 -23.32
C ARG B 220 -35.80 -44.49 -24.53
N ILE B 221 -34.51 -44.10 -24.52
CA ILE B 221 -33.90 -43.39 -25.65
C ILE B 221 -33.76 -44.32 -26.86
N TYR B 222 -33.42 -45.58 -26.60
CA TYR B 222 -33.30 -46.57 -27.67
C TYR B 222 -34.65 -46.86 -28.31
N GLU B 223 -35.70 -46.91 -27.49
CA GLU B 223 -37.06 -47.14 -27.97
C GLU B 223 -37.54 -45.99 -28.83
N LEU B 224 -37.23 -44.76 -28.40
CA LEU B 224 -37.58 -43.55 -29.15
C LEU B 224 -36.76 -43.40 -30.43
N ALA B 225 -35.53 -43.90 -30.42
CA ALA B 225 -34.69 -43.89 -31.60
C ALA B 225 -34.95 -45.12 -32.46
N GLY B 226 -35.55 -46.15 -31.86
CA GLY B 226 -35.77 -47.44 -32.53
C GLY B 226 -34.48 -48.17 -32.89
N GLN B 227 -33.40 -47.86 -32.16
CA GLN B 227 -32.07 -48.37 -32.44
C GLN B 227 -31.16 -48.14 -31.24
N GLU B 228 -30.21 -49.05 -31.03
CA GLU B 228 -29.21 -48.89 -29.98
C GLU B 228 -27.98 -48.21 -30.55
N PHE B 229 -27.45 -47.26 -29.79
CA PHE B 229 -26.23 -46.54 -30.18
C PHE B 229 -25.54 -45.96 -28.94
N ASN B 230 -24.37 -45.37 -29.15
CA ASN B 230 -23.61 -44.71 -28.09
C ASN B 230 -24.10 -43.27 -27.93
N ILE B 231 -24.93 -43.06 -26.91
CA ILE B 231 -25.51 -41.74 -26.62
C ILE B 231 -24.42 -40.72 -26.27
N ASN B 232 -23.31 -41.23 -25.73
CA ASN B 232 -22.21 -40.38 -25.32
C ASN B 232 -21.23 -40.02 -26.43
N SER B 233 -21.54 -40.44 -27.66
CA SER B 233 -20.82 -39.95 -28.83
C SER B 233 -21.66 -38.91 -29.55
N PRO B 234 -21.25 -37.64 -29.48
CA PRO B 234 -21.93 -36.59 -30.26
C PRO B 234 -22.02 -36.95 -31.74
N LYS B 235 -20.98 -37.59 -32.28
CA LYS B 235 -20.96 -37.98 -33.69
C LYS B 235 -22.04 -39.00 -34.02
N GLN B 236 -22.16 -40.05 -33.21
CA GLN B 236 -23.20 -41.07 -33.39
C GLN B 236 -24.60 -40.54 -33.16
N LEU B 237 -24.75 -39.66 -32.18
CA LEU B 237 -26.04 -39.06 -31.87
C LEU B 237 -26.50 -38.20 -33.04
N GLY B 238 -25.57 -37.44 -33.61
CA GLY B 238 -25.85 -36.58 -34.77
C GLY B 238 -26.41 -37.33 -35.96
N VAL B 239 -25.92 -38.54 -36.18
CA VAL B 239 -26.45 -39.39 -37.24
C VAL B 239 -27.89 -39.79 -36.92
N ILE B 240 -28.14 -40.23 -35.68
CA ILE B 240 -29.49 -40.59 -35.25
C ILE B 240 -30.46 -39.41 -35.38
N LEU B 241 -30.07 -38.25 -34.85
CA LEU B 241 -30.93 -37.05 -34.89
C LEU B 241 -31.09 -36.45 -36.29
N PHE B 242 -30.00 -36.32 -37.02
CA PHE B 242 -30.03 -35.56 -38.27
C PHE B 242 -30.07 -36.37 -39.56
N GLU B 243 -29.92 -37.70 -39.45
CA GLU B 243 -29.98 -38.59 -40.63
C GLU B 243 -31.10 -39.62 -40.54
N LYS B 244 -31.22 -40.30 -39.40
CA LYS B 244 -32.30 -41.26 -39.23
C LYS B 244 -33.62 -40.57 -38.87
N LEU B 245 -33.58 -39.67 -37.87
CA LEU B 245 -34.79 -38.97 -37.45
C LEU B 245 -35.10 -37.76 -38.32
N GLN B 246 -34.10 -37.31 -39.08
CA GLN B 246 -34.23 -36.20 -40.04
C GLN B 246 -34.59 -34.85 -39.43
N LEU B 247 -34.08 -34.59 -38.22
CA LEU B 247 -34.32 -33.32 -37.56
C LEU B 247 -33.49 -32.23 -38.23
N PRO B 248 -33.99 -30.98 -38.21
CA PRO B 248 -33.31 -29.85 -38.85
C PRO B 248 -31.93 -29.58 -38.26
N VAL B 249 -30.97 -29.29 -39.14
CA VAL B 249 -29.59 -29.05 -38.75
C VAL B 249 -29.39 -27.55 -38.50
N LEU B 250 -29.31 -27.17 -37.23
CA LEU B 250 -29.19 -25.77 -36.86
C LEU B 250 -27.73 -25.30 -36.87
N LYS B 251 -26.81 -26.21 -36.59
CA LYS B 251 -25.40 -25.89 -36.47
C LYS B 251 -24.52 -27.07 -36.84
N LYS B 252 -23.47 -26.79 -37.61
CA LYS B 252 -22.42 -27.76 -37.90
C LYS B 252 -21.09 -27.22 -37.38
N THR B 253 -20.23 -28.13 -36.92
CA THR B 253 -18.85 -27.78 -36.58
C THR B 253 -17.92 -28.54 -37.52
N LYS B 254 -16.61 -28.38 -37.33
CA LYS B 254 -15.63 -29.09 -38.15
C LYS B 254 -15.74 -30.63 -38.06
N THR B 255 -16.27 -31.13 -36.94
CA THR B 255 -16.38 -32.57 -36.71
C THR B 255 -17.71 -33.16 -37.20
N GLY B 256 -18.70 -32.30 -37.41
CA GLY B 256 -20.03 -32.73 -37.82
C GLY B 256 -21.15 -31.90 -37.23
N TYR B 257 -22.32 -32.50 -37.11
CA TYR B 257 -23.50 -31.82 -36.57
C TYR B 257 -23.30 -31.49 -35.09
N SER B 258 -23.75 -30.31 -34.69
CA SER B 258 -23.77 -29.93 -33.28
C SER B 258 -24.91 -30.61 -32.55
N THR B 259 -24.60 -31.15 -31.36
CA THR B 259 -25.61 -31.72 -30.49
C THR B 259 -25.52 -31.02 -29.12
N SER B 260 -25.14 -29.75 -29.14
CA SER B 260 -24.97 -28.98 -27.89
C SER B 260 -26.30 -28.82 -27.19
N ALA B 261 -26.28 -28.69 -25.86
CA ALA B 261 -27.49 -28.47 -25.07
C ALA B 261 -28.39 -27.37 -25.64
N ASP B 262 -27.78 -26.29 -26.11
CA ASP B 262 -28.53 -25.18 -26.73
C ASP B 262 -29.22 -25.55 -28.05
N VAL B 263 -28.56 -26.38 -28.83
CA VAL B 263 -29.13 -26.90 -30.06
C VAL B 263 -30.28 -27.86 -29.75
N LEU B 264 -30.06 -28.78 -28.81
CA LEU B 264 -31.07 -29.77 -28.42
C LEU B 264 -32.31 -29.10 -27.83
N GLU B 265 -32.11 -28.02 -27.07
CA GLU B 265 -33.22 -27.24 -26.52
C GLU B 265 -34.04 -26.57 -27.61
N LYS B 266 -33.35 -26.02 -28.61
CA LYS B 266 -34.03 -25.46 -29.79
C LYS B 266 -34.74 -26.53 -30.63
N LEU B 267 -34.34 -27.79 -30.48
CA LEU B 267 -34.94 -28.88 -31.25
C LEU B 267 -36.14 -29.55 -30.59
N ALA B 268 -36.46 -29.13 -29.36
CA ALA B 268 -37.55 -29.73 -28.61
C ALA B 268 -38.92 -29.75 -29.33
N PRO B 269 -39.23 -28.70 -30.13
CA PRO B 269 -40.49 -28.72 -30.90
C PRO B 269 -40.58 -29.81 -31.97
N TYR B 270 -39.48 -30.49 -32.26
CA TYR B 270 -39.44 -31.42 -33.38
C TYR B 270 -39.56 -32.88 -32.97
N HIS B 271 -38.92 -33.25 -31.87
CA HIS B 271 -38.94 -34.64 -31.41
C HIS B 271 -38.65 -34.69 -29.91
N GLU B 272 -39.43 -35.49 -29.19
CA GLU B 272 -39.30 -35.57 -27.73
C GLU B 272 -38.00 -36.20 -27.26
N ILE B 273 -37.32 -36.94 -28.15
CA ILE B 273 -36.10 -37.68 -27.80
C ILE B 273 -34.99 -36.75 -27.29
N VAL B 274 -35.00 -35.51 -27.77
CA VAL B 274 -33.96 -34.56 -27.39
C VAL B 274 -34.01 -34.24 -25.90
N GLU B 275 -35.20 -34.20 -25.30
CA GLU B 275 -35.32 -33.98 -23.86
C GLU B 275 -34.81 -35.19 -23.06
N ASN B 276 -35.03 -36.38 -23.59
CA ASN B 276 -34.51 -37.60 -22.98
C ASN B 276 -32.99 -37.62 -23.01
N ILE B 277 -32.43 -37.16 -24.12
CA ILE B 277 -30.97 -37.10 -24.30
C ILE B 277 -30.32 -36.12 -23.33
N LEU B 278 -30.91 -34.93 -23.19
CA LEU B 278 -30.45 -33.93 -22.23
C LEU B 278 -30.49 -34.50 -20.82
N HIS B 279 -31.58 -35.18 -20.47
CA HIS B 279 -31.74 -35.83 -19.17
C HIS B 279 -30.69 -36.92 -18.94
N TYR B 280 -30.49 -37.80 -19.93
CA TYR B 280 -29.46 -38.84 -19.86
C TYR B 280 -28.07 -38.25 -19.59
N ARG B 281 -27.73 -37.20 -20.33
CA ARG B 281 -26.43 -36.54 -20.18
C ARG B 281 -26.22 -35.92 -18.81
N GLN B 282 -27.29 -35.35 -18.26
CA GLN B 282 -27.25 -34.74 -16.93
C GLN B 282 -27.02 -35.81 -15.87
N LEU B 283 -27.78 -36.90 -16.00
CA LEU B 283 -27.60 -38.06 -15.13
C LEU B 283 -26.23 -38.70 -15.24
N GLY B 284 -25.76 -38.87 -16.49
CA GLY B 284 -24.46 -39.44 -16.78
C GLY B 284 -23.34 -38.65 -16.14
N LYS B 285 -23.46 -37.32 -16.16
CA LYS B 285 -22.46 -36.43 -15.54
C LYS B 285 -22.40 -36.62 -14.02
N LEU B 286 -23.56 -36.69 -13.38
CA LEU B 286 -23.62 -36.95 -11.94
C LEU B 286 -22.91 -38.25 -11.58
N GLN B 287 -23.17 -39.30 -12.34
CA GLN B 287 -22.61 -40.61 -12.06
C GLN B 287 -21.09 -40.65 -12.26
N SER B 288 -20.64 -40.23 -13.44
CA SER B 288 -19.25 -40.36 -13.83
C SER B 288 -18.35 -39.37 -13.06
N THR B 289 -18.76 -38.11 -13.02
CA THR B 289 -17.90 -37.05 -12.46
C THR B 289 -18.05 -36.92 -10.95
N TYR B 290 -19.30 -36.83 -10.47
CA TYR B 290 -19.58 -36.46 -9.07
C TYR B 290 -19.96 -37.61 -8.13
N ILE B 291 -20.14 -38.79 -8.69
CA ILE B 291 -20.26 -39.95 -7.83
C ILE B 291 -19.00 -40.80 -7.93
N GLU B 292 -18.75 -41.38 -9.09
CA GLU B 292 -17.57 -42.22 -9.33
C GLU B 292 -16.28 -41.45 -9.11
N GLY B 293 -16.21 -40.23 -9.66
CA GLY B 293 -15.01 -39.41 -9.57
C GLY B 293 -14.63 -39.01 -8.17
N LEU B 294 -15.63 -38.67 -7.36
CA LEU B 294 -15.39 -38.28 -6.00
C LEU B 294 -14.97 -39.52 -5.21
N LEU B 295 -15.70 -40.62 -5.40
CA LEU B 295 -15.38 -41.84 -4.64
C LEU B 295 -13.98 -42.36 -4.93
N LYS B 296 -13.50 -42.11 -6.15
CA LYS B 296 -12.15 -42.51 -6.57
C LYS B 296 -11.05 -41.84 -5.74
N VAL B 297 -11.29 -40.59 -5.35
CA VAL B 297 -10.27 -39.79 -4.68
C VAL B 297 -10.42 -39.59 -3.18
N VAL B 298 -11.52 -40.08 -2.60
CA VAL B 298 -11.73 -40.04 -1.14
C VAL B 298 -10.70 -40.93 -0.46
N ARG B 299 -10.05 -40.42 0.58
CA ARG B 299 -9.10 -41.21 1.35
C ARG B 299 -9.91 -42.10 2.29
N PRO B 300 -9.73 -43.44 2.22
CA PRO B 300 -10.69 -44.35 2.87
C PRO B 300 -10.77 -44.27 4.39
N ALA B 301 -9.66 -43.96 5.05
CA ALA B 301 -9.62 -43.99 6.51
C ALA B 301 -10.22 -42.73 7.13
N THR B 302 -10.01 -41.58 6.49
CA THR B 302 -10.52 -40.31 6.99
C THR B 302 -11.81 -39.84 6.29
N LYS B 303 -12.13 -40.46 5.15
CA LYS B 303 -13.26 -40.09 4.28
C LYS B 303 -13.13 -38.64 3.78
N LYS B 304 -11.91 -38.14 3.66
CA LYS B 304 -11.71 -36.77 3.17
C LYS B 304 -11.26 -36.73 1.71
N VAL B 305 -11.64 -35.64 1.04
CA VAL B 305 -11.10 -35.38 -0.27
C VAL B 305 -10.20 -34.16 -0.14
N HIS B 306 -9.05 -34.20 -0.83
CA HIS B 306 -8.06 -33.12 -0.72
C HIS B 306 -7.80 -32.56 -2.11
N THR B 307 -8.46 -31.44 -2.44
CA THR B 307 -8.26 -30.80 -3.73
C THR B 307 -6.88 -30.13 -3.79
N ILE B 308 -6.48 -29.70 -4.98
CA ILE B 308 -5.33 -28.79 -5.13
C ILE B 308 -5.84 -27.53 -5.84
N PHE B 309 -5.60 -26.38 -5.22
CA PHE B 309 -6.01 -25.10 -5.81
C PHE B 309 -4.83 -24.61 -6.61
N ASN B 310 -4.95 -24.61 -7.93
CA ASN B 310 -3.84 -24.09 -8.76
C ASN B 310 -3.92 -22.58 -8.69
N GLN B 311 -2.90 -21.98 -8.08
CA GLN B 311 -2.86 -20.55 -7.83
C GLN B 311 -2.14 -19.81 -8.96
N ALA B 312 -1.57 -20.56 -9.90
CA ALA B 312 -0.75 -19.92 -10.96
C ALA B 312 -1.14 -20.39 -12.36
N LEU B 313 -2.43 -20.37 -12.64
CA LEU B 313 -2.94 -20.92 -13.91
C LEU B 313 -3.80 -19.93 -14.69
N THR B 314 -4.81 -19.37 -14.03
CA THR B 314 -5.80 -18.60 -14.80
C THR B 314 -5.28 -17.27 -15.29
N GLN B 315 -5.81 -16.86 -16.43
CA GLN B 315 -5.34 -15.60 -17.03
C GLN B 315 -5.87 -14.35 -16.33
N THR B 316 -6.86 -14.51 -15.46
CA THR B 316 -7.47 -13.38 -14.80
C THR B 316 -7.11 -13.25 -13.32
N GLY B 317 -6.42 -14.24 -12.74
CA GLY B 317 -6.11 -14.15 -11.30
C GLY B 317 -7.01 -15.00 -10.41
N ARG B 318 -8.03 -15.62 -11.01
CA ARG B 318 -8.82 -16.64 -10.32
C ARG B 318 -7.96 -17.85 -9.95
N LEU B 319 -8.42 -18.59 -8.95
CA LEU B 319 -7.93 -19.93 -8.63
C LEU B 319 -8.58 -20.94 -9.59
N SER B 320 -7.97 -22.11 -9.75
CA SER B 320 -8.71 -23.28 -10.26
C SER B 320 -8.54 -24.41 -9.25
N SER B 321 -9.31 -25.48 -9.41
CA SER B 321 -9.34 -26.57 -8.40
C SER B 321 -9.36 -27.87 -9.17
N THR B 322 -8.53 -28.82 -8.74
CA THR B 322 -8.33 -30.09 -9.47
C THR B 322 -8.25 -31.30 -8.54
N GLU B 323 -8.71 -32.43 -9.06
CA GLU B 323 -8.48 -33.78 -8.46
C GLU B 323 -8.84 -33.90 -6.97
N PRO B 324 -10.11 -33.68 -6.61
CA PRO B 324 -11.23 -33.33 -7.47
C PRO B 324 -11.43 -31.81 -7.62
N ASN B 325 -12.09 -31.38 -8.69
CA ASN B 325 -12.53 -29.99 -8.80
C ASN B 325 -13.70 -29.79 -7.82
N LEU B 326 -13.49 -28.97 -6.80
CA LEU B 326 -14.54 -28.71 -5.85
C LEU B 326 -15.20 -27.36 -6.11
N GLN B 327 -14.91 -26.77 -7.27
CA GLN B 327 -15.51 -25.51 -7.67
C GLN B 327 -16.61 -25.69 -8.71
N ASN B 328 -16.92 -26.93 -9.06
CA ASN B 328 -18.04 -27.14 -10.01
C ASN B 328 -19.04 -28.19 -9.57
N ILE B 329 -19.20 -28.33 -8.26
CA ILE B 329 -20.20 -29.24 -7.68
C ILE B 329 -21.60 -28.69 -7.99
N PRO B 330 -22.51 -29.55 -8.49
CA PRO B 330 -23.83 -29.09 -8.97
C PRO B 330 -24.66 -28.35 -7.93
N ILE B 331 -25.46 -27.42 -8.42
CA ILE B 331 -26.36 -26.65 -7.58
C ILE B 331 -27.65 -26.26 -8.32
N ARG B 332 -27.60 -26.16 -9.64
CA ARG B 332 -28.73 -25.57 -10.38
C ARG B 332 -29.97 -26.46 -10.49
N LEU B 333 -29.74 -27.75 -10.67
CA LEU B 333 -30.83 -28.72 -10.75
C LEU B 333 -30.89 -29.49 -9.45
N GLU B 334 -32.11 -29.71 -8.95
CA GLU B 334 -32.28 -30.32 -7.63
C GLU B 334 -31.65 -31.73 -7.48
N GLU B 335 -31.81 -32.58 -8.51
CA GLU B 335 -31.20 -33.93 -8.52
C GLU B 335 -29.69 -33.85 -8.24
N GLY B 336 -29.02 -32.95 -8.95
CA GLY B 336 -27.58 -32.77 -8.84
C GLY B 336 -27.21 -32.08 -7.54
N ARG B 337 -27.99 -31.08 -7.15
CA ARG B 337 -27.72 -30.34 -5.91
C ARG B 337 -27.61 -31.27 -4.70
N LYS B 338 -28.33 -32.40 -4.73
CA LYS B 338 -28.30 -33.35 -3.61
C LYS B 338 -26.91 -33.94 -3.32
N ILE B 339 -26.02 -33.90 -4.32
CA ILE B 339 -24.60 -34.27 -4.16
C ILE B 339 -24.02 -33.53 -2.96
N ARG B 340 -24.45 -32.28 -2.78
CA ARG B 340 -23.93 -31.46 -1.67
C ARG B 340 -24.30 -31.95 -0.27
N GLN B 341 -25.31 -32.82 -0.16
CA GLN B 341 -25.65 -33.45 1.11
C GLN B 341 -24.56 -34.40 1.59
N ALA B 342 -23.68 -34.78 0.67
CA ALA B 342 -22.60 -35.72 0.99
C ALA B 342 -21.33 -34.99 1.44
N PHE B 343 -21.33 -33.65 1.40
CA PHE B 343 -20.19 -32.90 1.92
C PHE B 343 -20.51 -32.43 3.33
N VAL B 344 -19.76 -32.93 4.30
CA VAL B 344 -20.15 -32.84 5.71
C VAL B 344 -19.00 -32.26 6.54
N PRO B 345 -19.30 -31.76 7.75
CA PRO B 345 -18.26 -31.23 8.64
C PRO B 345 -17.36 -32.36 9.12
N SER B 346 -16.11 -32.02 9.44
CA SER B 346 -15.10 -33.03 9.70
C SER B 346 -15.19 -33.57 11.14
N GLU B 347 -16.02 -32.92 11.96
CA GLU B 347 -16.27 -33.35 13.33
C GLU B 347 -17.76 -33.34 13.62
N SER B 348 -18.16 -34.21 14.56
CA SER B 348 -19.48 -34.16 15.10
C SER B 348 -19.65 -32.81 15.79
N ASP B 349 -20.84 -32.28 15.66
CA ASP B 349 -21.19 -31.03 16.32
C ASP B 349 -20.45 -29.84 15.73
N TRP B 350 -19.89 -30.01 14.52
CA TRP B 350 -19.47 -28.88 13.68
C TRP B 350 -20.51 -28.70 12.60
N LEU B 351 -20.47 -27.56 11.90
CA LEU B 351 -21.40 -27.23 10.87
C LEU B 351 -20.65 -26.59 9.70
N ILE B 352 -21.27 -26.59 8.53
CA ILE B 352 -20.72 -25.94 7.32
C ILE B 352 -21.28 -24.53 7.28
N PHE B 353 -20.42 -23.53 6.98
CA PHE B 353 -20.84 -22.14 6.86
C PHE B 353 -20.42 -21.68 5.46
N ALA B 354 -21.33 -21.06 4.73
CA ALA B 354 -21.00 -20.55 3.40
C ALA B 354 -21.35 -19.07 3.31
N ALA B 355 -20.40 -18.25 2.83
CA ALA B 355 -20.63 -16.80 2.66
C ALA B 355 -20.30 -16.43 1.21
N ASP B 356 -21.22 -15.74 0.55
CA ASP B 356 -20.98 -15.40 -0.84
CA ASP B 356 -21.15 -15.46 -0.88
C ASP B 356 -21.25 -13.94 -1.11
N TYR B 357 -20.40 -13.37 -1.96
CA TYR B 357 -20.59 -12.00 -2.37
C TYR B 357 -21.83 -11.93 -3.27
N SER B 358 -22.71 -10.96 -3.02
CA SER B 358 -23.80 -10.73 -3.93
C SER B 358 -23.37 -9.86 -5.13
N GLN B 359 -23.28 -10.46 -6.31
CA GLN B 359 -23.09 -9.70 -7.56
C GLN B 359 -21.80 -8.90 -7.57
N ILE B 360 -20.74 -9.47 -7.00
CA ILE B 360 -19.48 -8.71 -6.84
C ILE B 360 -18.92 -8.22 -8.19
N GLU B 361 -18.96 -9.05 -9.23
CA GLU B 361 -18.38 -8.59 -10.50
C GLU B 361 -19.09 -7.35 -11.03
N LEU B 362 -20.41 -7.31 -10.92
CA LEU B 362 -21.16 -6.15 -11.39
C LEU B 362 -20.98 -4.91 -10.50
N ARG B 363 -20.80 -5.11 -9.19
CA ARG B 363 -20.39 -4.01 -8.31
C ARG B 363 -19.02 -3.46 -8.69
N VAL B 364 -18.08 -4.37 -9.02
CA VAL B 364 -16.77 -3.97 -9.52
C VAL B 364 -16.90 -3.17 -10.83
N LEU B 365 -17.76 -3.64 -11.73
CA LEU B 365 -18.00 -2.91 -12.98
C LEU B 365 -18.54 -1.50 -12.68
N ALA B 366 -19.50 -1.41 -11.76
CA ALA B 366 -20.05 -0.10 -11.36
C ALA B 366 -18.91 0.84 -10.87
N HIS B 367 -18.04 0.31 -10.03
CA HIS B 367 -16.90 1.03 -9.50
C HIS B 367 -15.92 1.50 -10.58
N ILE B 368 -15.50 0.59 -11.46
CA ILE B 368 -14.49 0.90 -12.46
C ILE B 368 -15.04 1.81 -13.54
N ALA B 369 -16.26 1.52 -14.00
CA ALA B 369 -16.91 2.33 -15.04
C ALA B 369 -17.40 3.69 -14.51
N GLU B 370 -17.61 3.78 -13.19
CA GLU B 370 -18.25 4.96 -12.56
C GLU B 370 -19.54 5.36 -13.28
N ASP B 371 -20.35 4.37 -13.63
CA ASP B 371 -21.63 4.64 -14.24
C ASP B 371 -22.59 5.07 -13.13
N ASP B 372 -23.14 6.28 -13.24
CA ASP B 372 -23.99 6.81 -12.17
C ASP B 372 -25.17 5.90 -11.82
N ASN B 373 -25.87 5.39 -12.83
CA ASN B 373 -27.04 4.57 -12.56
C ASN B 373 -26.71 3.20 -11.98
N LEU B 374 -25.62 2.61 -12.44
CA LEU B 374 -25.20 1.34 -11.89
C LEU B 374 -24.78 1.52 -10.42
N MET B 375 -24.04 2.59 -10.16
CA MET B 375 -23.62 2.88 -8.79
C MET B 375 -24.80 3.14 -7.88
N GLU B 376 -25.77 3.91 -8.37
CA GLU B 376 -27.00 4.16 -7.61
C GLU B 376 -27.73 2.86 -7.27
N ALA B 377 -27.90 1.97 -8.27
CA ALA B 377 -28.55 0.68 -8.05
C ALA B 377 -27.91 -0.14 -6.93
N PHE B 378 -26.58 -0.24 -6.93
CA PHE B 378 -25.88 -0.93 -5.86
C PHE B 378 -25.87 -0.21 -4.52
N ARG B 379 -25.89 1.12 -4.55
CA ARG B 379 -26.03 1.87 -3.30
C ARG B 379 -27.39 1.64 -2.64
N ARG B 380 -28.39 1.28 -3.45
CA ARG B 380 -29.73 0.95 -2.96
C ARG B 380 -29.83 -0.54 -2.60
N ASP B 381 -28.72 -1.26 -2.78
CA ASP B 381 -28.65 -2.72 -2.61
C ASP B 381 -29.71 -3.45 -3.44
N LEU B 382 -29.94 -2.97 -4.66
CA LEU B 382 -30.87 -3.61 -5.59
C LEU B 382 -30.31 -4.93 -6.10
N ASP B 383 -31.21 -5.87 -6.39
CA ASP B 383 -30.87 -7.04 -7.19
C ASP B 383 -30.72 -6.49 -8.62
N ILE B 384 -29.49 -6.47 -9.14
CA ILE B 384 -29.21 -5.82 -10.42
C ILE B 384 -29.89 -6.55 -11.58
N HIS B 385 -30.11 -7.85 -11.42
CA HIS B 385 -30.76 -8.64 -12.49
C HIS B 385 -32.22 -8.27 -12.59
N THR B 386 -32.85 -8.05 -11.44
CA THR B 386 -34.21 -7.52 -11.45
C THR B 386 -34.27 -6.08 -11.99
N LYS B 387 -33.34 -5.24 -11.57
CA LYS B 387 -33.27 -3.86 -12.05
C LYS B 387 -33.15 -3.79 -13.58
N THR B 388 -32.22 -4.57 -14.14
CA THR B 388 -32.03 -4.55 -15.58
C THR B 388 -33.28 -5.05 -16.31
N ALA B 389 -33.93 -6.07 -15.75
CA ALA B 389 -35.19 -6.58 -16.31
C ALA B 389 -36.24 -5.47 -16.37
N MET B 390 -36.46 -4.78 -15.25
CA MET B 390 -37.34 -3.63 -15.27
C MET B 390 -37.02 -2.63 -16.40
N ASP B 391 -35.74 -2.40 -16.67
CA ASP B 391 -35.31 -1.42 -17.67
C ASP B 391 -35.48 -1.90 -19.13
N ILE B 392 -35.15 -3.16 -19.38
CA ILE B 392 -35.20 -3.68 -20.75
C ILE B 392 -36.60 -4.14 -21.20
N PHE B 393 -37.42 -4.60 -20.24
CA PHE B 393 -38.82 -4.92 -20.52
C PHE B 393 -39.76 -3.74 -20.21
N GLN B 394 -39.22 -2.71 -19.55
CA GLN B 394 -39.98 -1.53 -19.13
C GLN B 394 -41.22 -1.87 -18.31
N VAL B 395 -41.00 -2.61 -17.22
CA VAL B 395 -42.04 -3.09 -16.33
C VAL B 395 -41.71 -2.74 -14.87
N SER B 396 -42.64 -3.04 -13.97
CA SER B 396 -42.42 -2.81 -12.55
C SER B 396 -41.79 -4.05 -11.91
N GLU B 397 -41.29 -3.89 -10.69
CA GLU B 397 -40.58 -4.96 -9.99
C GLU B 397 -41.45 -6.21 -9.80
N ASP B 398 -42.73 -6.01 -9.48
CA ASP B 398 -43.73 -7.07 -9.34
C ASP B 398 -43.97 -7.85 -10.64
N GLU B 399 -43.76 -7.18 -11.78
CA GLU B 399 -43.99 -7.77 -13.11
C GLU B 399 -42.81 -8.60 -13.63
N VAL B 400 -41.70 -8.63 -12.89
CA VAL B 400 -40.53 -9.43 -13.29
C VAL B 400 -40.66 -10.90 -12.91
N THR B 401 -40.85 -11.75 -13.91
CA THR B 401 -40.91 -13.20 -13.75
C THR B 401 -39.50 -13.78 -13.63
N PRO B 402 -39.38 -15.01 -13.09
CA PRO B 402 -38.08 -15.67 -13.06
C PRO B 402 -37.40 -15.77 -14.42
N ASN B 403 -38.19 -15.97 -15.47
CA ASN B 403 -37.67 -16.00 -16.85
C ASN B 403 -37.14 -14.64 -17.28
N MET B 404 -37.86 -13.58 -16.96
CA MET B 404 -37.40 -12.21 -17.24
C MET B 404 -36.09 -11.90 -16.52
N ARG B 405 -35.98 -12.30 -15.25
CA ARG B 405 -34.74 -12.14 -14.48
C ARG B 405 -33.60 -12.93 -15.12
N ARG B 406 -33.90 -14.13 -15.61
CA ARG B 406 -32.88 -14.98 -16.24
C ARG B 406 -32.36 -14.35 -17.52
N GLN B 407 -33.26 -13.80 -18.32
CA GLN B 407 -32.89 -13.09 -19.55
C GLN B 407 -32.07 -11.84 -19.22
N ALA B 408 -32.55 -11.05 -18.25
CA ALA B 408 -31.81 -9.87 -17.80
C ALA B 408 -30.45 -10.22 -17.24
N LYS B 409 -30.34 -11.37 -16.56
CA LYS B 409 -29.06 -11.82 -16.04
C LYS B 409 -28.06 -12.01 -17.19
N ALA B 410 -28.53 -12.68 -18.25
CA ALA B 410 -27.70 -12.92 -19.46
C ALA B 410 -27.30 -11.60 -20.11
N VAL B 411 -28.24 -10.64 -20.11
CA VAL B 411 -27.96 -9.30 -20.60
C VAL B 411 -26.87 -8.63 -19.77
N ASN B 412 -27.04 -8.68 -18.44
CA ASN B 412 -26.06 -8.08 -17.52
C ASN B 412 -24.66 -8.66 -17.61
N PHE B 413 -24.57 -9.97 -17.78
CA PHE B 413 -23.25 -10.61 -17.93
C PHE B 413 -22.67 -10.38 -19.31
N GLY B 414 -23.51 -10.44 -20.34
CA GLY B 414 -23.01 -10.42 -21.72
C GLY B 414 -22.62 -9.09 -22.32
N ILE B 415 -23.42 -8.06 -22.07
CA ILE B 415 -23.20 -6.80 -22.73
C ILE B 415 -21.87 -6.13 -22.40
N PRO B 416 -21.50 -6.06 -21.11
CA PRO B 416 -20.25 -5.36 -20.78
C PRO B 416 -19.01 -6.02 -21.37
N TYR B 417 -19.11 -7.28 -21.79
CA TYR B 417 -17.96 -8.00 -22.33
C TYR B 417 -18.12 -8.32 -23.81
N GLY B 418 -19.00 -7.57 -24.46
CA GLY B 418 -19.04 -7.56 -25.93
C GLY B 418 -20.03 -8.45 -26.65
N ILE B 419 -21.04 -8.98 -25.96
CA ILE B 419 -22.05 -9.78 -26.66
C ILE B 419 -22.76 -8.97 -27.76
N SER B 420 -23.09 -9.64 -28.85
CA SER B 420 -23.82 -9.03 -29.95
C SER B 420 -25.28 -9.45 -29.86
N ASP B 421 -26.14 -8.80 -30.66
CA ASP B 421 -27.53 -9.21 -30.74
C ASP B 421 -27.70 -10.67 -31.19
N TYR B 422 -26.84 -11.14 -32.10
CA TYR B 422 -26.86 -12.54 -32.51
C TYR B 422 -26.59 -13.48 -31.35
N GLY B 423 -25.52 -13.19 -30.60
CA GLY B 423 -25.18 -14.02 -29.46
C GLY B 423 -26.24 -14.06 -28.38
N LEU B 424 -26.84 -12.91 -28.09
CA LEU B 424 -27.87 -12.78 -27.08
C LEU B 424 -29.14 -13.51 -27.54
N ALA B 425 -29.49 -13.34 -28.81
CA ALA B 425 -30.67 -14.01 -29.38
C ALA B 425 -30.54 -15.54 -29.34
N GLN B 426 -29.38 -16.04 -29.76
CA GLN B 426 -29.09 -17.46 -29.76
C GLN B 426 -29.09 -18.07 -28.35
N ASN B 427 -28.44 -17.39 -27.42
CA ASN B 427 -28.33 -17.89 -26.06
C ASN B 427 -29.68 -17.95 -25.35
N LEU B 428 -30.50 -16.93 -25.57
CA LEU B 428 -31.80 -16.84 -24.93
C LEU B 428 -32.93 -17.49 -25.74
N ASN B 429 -32.63 -17.89 -26.97
CA ASN B 429 -33.65 -18.40 -27.91
C ASN B 429 -34.79 -17.39 -28.09
N ILE B 430 -34.42 -16.14 -28.39
CA ILE B 430 -35.37 -15.06 -28.64
C ILE B 430 -35.03 -14.41 -29.97
N SER B 431 -35.88 -13.50 -30.44
CA SER B 431 -35.62 -12.84 -31.73
C SER B 431 -34.42 -11.91 -31.66
N ARG B 432 -33.71 -11.77 -32.79
CA ARG B 432 -32.59 -10.83 -32.85
C ARG B 432 -33.06 -9.38 -32.68
N LYS B 433 -34.28 -9.10 -33.14
CA LYS B 433 -34.89 -7.79 -32.93
C LYS B 433 -35.09 -7.51 -31.44
N GLU B 434 -35.56 -8.50 -30.68
CA GLU B 434 -35.74 -8.30 -29.24
C GLU B 434 -34.38 -8.17 -28.54
N ALA B 435 -33.42 -9.00 -28.94
CA ALA B 435 -32.05 -8.89 -28.38
C ALA B 435 -31.45 -7.51 -28.65
N ALA B 436 -31.61 -7.01 -29.86
CA ALA B 436 -31.10 -5.69 -30.21
C ALA B 436 -31.72 -4.60 -29.36
N GLU B 437 -33.02 -4.74 -29.07
CA GLU B 437 -33.73 -3.79 -28.23
C GLU B 437 -33.18 -3.83 -26.79
N PHE B 438 -32.92 -5.04 -26.29
CA PHE B 438 -32.35 -5.21 -24.95
C PHE B 438 -31.06 -4.41 -24.86
N ILE B 439 -30.24 -4.54 -25.91
CA ILE B 439 -28.93 -3.90 -25.94
C ILE B 439 -29.04 -2.36 -25.93
N GLU B 440 -29.94 -1.82 -26.75
CA GLU B 440 -30.14 -0.37 -26.79
CA GLU B 440 -30.18 -0.37 -26.80
C GLU B 440 -30.65 0.16 -25.44
N ARG B 441 -31.62 -0.53 -24.85
CA ARG B 441 -32.19 -0.08 -23.58
C ARG B 441 -31.16 -0.15 -22.45
N TYR B 442 -30.36 -1.21 -22.45
CA TYR B 442 -29.27 -1.34 -21.49
C TYR B 442 -28.31 -0.17 -21.53
N PHE B 443 -27.83 0.20 -22.73
CA PHE B 443 -26.88 1.31 -22.85
C PHE B 443 -27.50 2.69 -22.58
N GLU B 444 -28.81 2.82 -22.80
CA GLU B 444 -29.55 4.02 -22.37
C GLU B 444 -29.54 4.17 -20.84
N SER B 445 -29.70 3.05 -20.13
CA SER B 445 -29.67 3.03 -18.66
C SER B 445 -28.27 3.22 -18.09
N PHE B 446 -27.29 2.60 -18.74
CA PHE B 446 -25.92 2.56 -18.22
C PHE B 446 -24.88 3.04 -19.24
N PRO B 447 -24.93 4.33 -19.63
CA PRO B 447 -24.02 4.84 -20.67
C PRO B 447 -22.55 4.74 -20.26
N GLY B 448 -22.30 4.76 -18.95
CA GLY B 448 -20.94 4.66 -18.43
C GLY B 448 -20.27 3.33 -18.74
N VAL B 449 -21.07 2.26 -18.87
CA VAL B 449 -20.57 0.93 -19.27
C VAL B 449 -20.06 0.96 -20.72
N LYS B 450 -20.79 1.65 -21.60
CA LYS B 450 -20.32 1.84 -22.99
C LYS B 450 -19.01 2.61 -23.00
N ARG B 451 -18.92 3.66 -22.19
CA ARG B 451 -17.72 4.49 -22.11
CA ARG B 451 -17.71 4.47 -22.17
C ARG B 451 -16.53 3.65 -21.62
N TYR B 452 -16.79 2.83 -20.61
CA TYR B 452 -15.76 1.92 -20.08
C TYR B 452 -15.27 0.97 -21.18
N MET B 453 -16.20 0.36 -21.91
CA MET B 453 -15.84 -0.60 -22.97
C MET B 453 -14.93 0.05 -24.01
N GLU B 454 -15.24 1.29 -24.37
CA GLU B 454 -14.43 2.01 -25.32
C GLU B 454 -13.06 2.36 -24.71
N ASN B 455 -13.08 2.87 -23.48
CA ASN B 455 -11.87 3.37 -22.83
C ASN B 455 -10.87 2.26 -22.52
N ILE B 456 -11.36 1.12 -22.04
CA ILE B 456 -10.43 0.05 -21.65
C ILE B 456 -9.73 -0.55 -22.86
N VAL B 457 -10.44 -0.63 -23.98
CA VAL B 457 -9.85 -1.14 -25.22
C VAL B 457 -8.75 -0.17 -25.69
N GLN B 458 -9.04 1.14 -25.61
CA GLN B 458 -8.02 2.14 -25.98
C GLN B 458 -6.80 2.09 -25.06
N GLU B 459 -7.03 1.88 -23.77
CA GLU B 459 -5.93 1.71 -22.83
C GLU B 459 -5.08 0.48 -23.13
N ALA B 460 -5.72 -0.64 -23.43
CA ALA B 460 -5.01 -1.88 -23.73
C ALA B 460 -4.16 -1.69 -24.97
N LYS B 461 -4.71 -0.97 -25.96
CA LYS B 461 -3.96 -0.72 -27.21
C LYS B 461 -2.74 0.15 -26.92
N GLN B 462 -2.90 1.15 -26.07
CA GLN B 462 -1.81 2.09 -25.74
C GLN B 462 -0.72 1.47 -24.85
N LYS B 463 -1.13 0.78 -23.80
CA LYS B 463 -0.17 0.24 -22.82
C LYS B 463 0.31 -1.15 -23.19
N GLY B 464 -0.53 -1.92 -23.87
CA GLY B 464 -0.22 -3.33 -24.21
C GLY B 464 -0.76 -4.37 -23.25
N TYR B 465 -1.44 -3.90 -22.21
CA TYR B 465 -1.96 -4.78 -21.15
C TYR B 465 -3.10 -4.07 -20.44
N VAL B 466 -3.94 -4.84 -19.73
CA VAL B 466 -4.91 -4.29 -18.77
C VAL B 466 -4.54 -4.70 -17.35
N THR B 467 -5.09 -4.01 -16.35
CA THR B 467 -4.75 -4.29 -14.96
C THR B 467 -5.99 -4.35 -14.11
N THR B 468 -5.83 -4.94 -12.94
CA THR B 468 -6.92 -5.03 -11.98
C THR B 468 -6.69 -4.10 -10.80
N LEU B 469 -7.68 -4.08 -9.90
CA LEU B 469 -7.60 -3.19 -8.73
CA LEU B 469 -7.64 -3.25 -8.68
C LEU B 469 -6.34 -3.34 -7.89
N LEU B 470 -5.86 -4.57 -7.69
CA LEU B 470 -4.61 -4.79 -6.93
C LEU B 470 -3.38 -5.00 -7.81
N HIS B 471 -3.49 -4.57 -9.08
CA HIS B 471 -2.35 -4.43 -10.00
C HIS B 471 -1.91 -5.73 -10.66
N ARG B 472 -2.83 -6.71 -10.71
CA ARG B 472 -2.62 -7.86 -11.58
C ARG B 472 -2.63 -7.35 -13.01
N ARG B 473 -1.86 -7.98 -13.88
CA ARG B 473 -1.91 -7.62 -15.30
C ARG B 473 -2.11 -8.77 -16.28
N ARG B 474 -2.61 -8.41 -17.45
CA ARG B 474 -2.70 -9.36 -18.52
C ARG B 474 -2.33 -8.65 -19.82
N TYR B 475 -1.29 -9.16 -20.48
CA TYR B 475 -0.89 -8.60 -21.78
C TYR B 475 -1.84 -9.04 -22.86
N LEU B 476 -2.12 -8.15 -23.82
CA LEU B 476 -3.05 -8.48 -24.91
C LEU B 476 -2.46 -8.08 -26.25
N PRO B 477 -1.39 -8.77 -26.67
CA PRO B 477 -0.70 -8.43 -27.92
C PRO B 477 -1.63 -8.54 -29.13
N ASP B 478 -2.66 -9.38 -29.05
CA ASP B 478 -3.61 -9.51 -30.17
C ASP B 478 -4.51 -8.30 -30.41
N ILE B 479 -4.54 -7.35 -29.47
CA ILE B 479 -5.41 -6.19 -29.62
C ILE B 479 -4.96 -5.29 -30.78
N THR B 480 -3.74 -5.51 -31.26
CA THR B 480 -3.22 -4.73 -32.41
C THR B 480 -3.21 -5.56 -33.68
N SER B 481 -3.88 -6.71 -33.66
CA SER B 481 -3.93 -7.58 -34.83
C SER B 481 -4.76 -6.99 -35.96
N ARG B 482 -4.33 -7.27 -37.18
CA ARG B 482 -5.04 -6.83 -38.37
C ARG B 482 -6.16 -7.80 -38.74
N ASN B 483 -6.20 -8.96 -38.08
CA ASN B 483 -7.33 -9.88 -38.22
C ASN B 483 -8.46 -9.44 -37.29
N PHE B 484 -9.63 -9.17 -37.88
CA PHE B 484 -10.78 -8.68 -37.12
C PHE B 484 -11.19 -9.60 -35.97
N ASN B 485 -11.24 -10.90 -36.21
CA ASN B 485 -11.70 -11.84 -35.20
C ASN B 485 -10.71 -11.97 -34.06
N VAL B 486 -9.43 -12.10 -34.39
CA VAL B 486 -8.36 -12.19 -33.41
C VAL B 486 -8.32 -10.93 -32.51
N ARG B 487 -8.40 -9.75 -33.13
CA ARG B 487 -8.41 -8.48 -32.42
C ARG B 487 -9.65 -8.39 -31.53
N SER B 488 -10.79 -8.85 -32.05
CA SER B 488 -12.05 -8.77 -31.32
C SER B 488 -12.01 -9.61 -30.04
N PHE B 489 -11.42 -10.80 -30.14
CA PHE B 489 -11.25 -11.64 -28.95
C PHE B 489 -10.45 -10.90 -27.89
N ALA B 490 -9.40 -10.19 -28.32
CA ALA B 490 -8.57 -9.45 -27.37
C ALA B 490 -9.33 -8.27 -26.75
N GLU B 491 -10.17 -7.63 -27.54
CA GLU B 491 -10.94 -6.50 -27.04
C GLU B 491 -11.89 -6.95 -25.93
N ARG B 492 -12.49 -8.10 -26.13
CA ARG B 492 -13.43 -8.63 -25.15
C ARG B 492 -12.70 -9.06 -23.87
N MET B 493 -11.46 -9.56 -24.03
CA MET B 493 -10.59 -9.81 -22.86
C MET B 493 -10.26 -8.53 -22.12
N ALA B 494 -10.00 -7.45 -22.87
CA ALA B 494 -9.71 -6.16 -22.24
C ALA B 494 -10.90 -5.70 -21.40
N MET B 495 -12.10 -5.95 -21.89
CA MET B 495 -13.33 -5.54 -21.19
C MET B 495 -13.52 -6.37 -19.93
N ASN B 496 -13.29 -7.68 -20.04
CA ASN B 496 -13.64 -8.61 -18.94
C ASN B 496 -12.57 -8.76 -17.84
N THR B 497 -11.32 -8.81 -18.25
CA THR B 497 -10.25 -9.09 -17.29
C THR B 497 -10.15 -8.13 -16.09
N PRO B 498 -10.27 -6.80 -16.30
CA PRO B 498 -10.23 -5.95 -15.11
C PRO B 498 -11.36 -6.23 -14.13
N ILE B 499 -12.50 -6.68 -14.63
CA ILE B 499 -13.65 -6.93 -13.75
C ILE B 499 -13.53 -8.28 -13.05
N GLN B 500 -13.40 -9.36 -13.83
CA GLN B 500 -13.26 -10.69 -13.23
C GLN B 500 -12.01 -10.74 -12.36
N GLY B 501 -10.92 -10.12 -12.85
CA GLY B 501 -9.67 -10.13 -12.10
C GLY B 501 -9.71 -9.33 -10.81
N SER B 502 -10.40 -8.19 -10.81
CA SER B 502 -10.49 -7.37 -9.59
C SER B 502 -11.33 -8.12 -8.53
N ALA B 503 -12.38 -8.80 -8.98
CA ALA B 503 -13.19 -9.61 -8.06
C ALA B 503 -12.36 -10.73 -7.46
N ALA B 504 -11.45 -11.32 -8.27
CA ALA B 504 -10.52 -12.33 -7.75
C ALA B 504 -9.59 -11.74 -6.69
N ASP B 505 -9.06 -10.54 -6.96
CA ASP B 505 -8.16 -9.86 -6.00
C ASP B 505 -8.88 -9.65 -4.66
N ILE B 506 -10.14 -9.22 -4.74
CA ILE B 506 -10.93 -8.88 -3.53
C ILE B 506 -11.18 -10.10 -2.65
N ILE B 507 -11.64 -11.20 -3.24
CA ILE B 507 -11.88 -12.38 -2.39
C ILE B 507 -10.58 -12.95 -1.81
N LYS B 508 -9.49 -12.89 -2.58
CA LYS B 508 -8.19 -13.31 -2.06
C LYS B 508 -7.77 -12.48 -0.83
N LYS B 509 -7.91 -11.16 -0.93
CA LYS B 509 -7.61 -10.30 0.22
C LYS B 509 -8.54 -10.63 1.40
N ALA B 510 -9.81 -10.87 1.11
CA ALA B 510 -10.79 -11.24 2.15
C ALA B 510 -10.35 -12.53 2.88
N MET B 511 -9.79 -13.49 2.14
CA MET B 511 -9.34 -14.76 2.76
C MET B 511 -8.21 -14.49 3.75
N ILE B 512 -7.29 -13.62 3.36
CA ILE B 512 -6.14 -13.27 4.25
C ILE B 512 -6.66 -12.54 5.48
N ASP B 513 -7.55 -11.57 5.25
CA ASP B 513 -8.12 -10.80 6.36
C ASP B 513 -8.91 -11.71 7.30
N LEU B 514 -9.66 -12.65 6.73
CA LEU B 514 -10.45 -13.59 7.52
C LEU B 514 -9.56 -14.45 8.40
N ASN B 515 -8.53 -15.02 7.82
CA ASN B 515 -7.64 -15.85 8.65
C ASN B 515 -7.00 -15.08 9.80
N ALA B 516 -6.64 -13.83 9.54
CA ALA B 516 -6.11 -12.98 10.61
C ALA B 516 -7.13 -12.75 11.72
N ARG B 517 -8.39 -12.51 11.35
CA ARG B 517 -9.46 -12.33 12.37
C ARG B 517 -9.76 -13.63 13.11
N LEU B 518 -9.79 -14.76 12.41
CA LEU B 518 -10.05 -16.04 13.08
C LEU B 518 -8.99 -16.35 14.14
N LYS B 519 -7.72 -16.07 13.79
CA LYS B 519 -6.60 -16.23 14.74
C LYS B 519 -6.70 -15.28 15.92
N GLU B 520 -7.00 -14.01 15.67
CA GLU B 520 -7.05 -13.08 16.80
C GLU B 520 -8.20 -13.44 17.74
N GLU B 521 -9.27 -14.01 17.19
CA GLU B 521 -10.43 -14.37 18.00
C GLU B 521 -10.32 -15.76 18.60
N ARG B 522 -9.22 -16.45 18.29
CA ARG B 522 -8.95 -17.80 18.77
C ARG B 522 -10.11 -18.76 18.47
N LEU B 523 -10.66 -18.62 17.26
CA LEU B 523 -11.74 -19.49 16.80
C LEU B 523 -11.15 -20.74 16.17
N GLN B 524 -11.81 -21.89 16.38
CA GLN B 524 -11.47 -23.14 15.72
C GLN B 524 -11.92 -23.16 14.25
N ALA B 525 -12.88 -22.32 13.90
CA ALA B 525 -13.39 -22.25 12.52
C ALA B 525 -12.26 -22.10 11.51
N HIS B 526 -12.37 -22.79 10.38
CA HIS B 526 -11.39 -22.61 9.30
C HIS B 526 -11.98 -22.75 7.91
N LEU B 527 -11.29 -22.15 6.94
CA LEU B 527 -11.66 -22.29 5.55
C LEU B 527 -11.50 -23.71 5.04
N LEU B 528 -12.43 -24.11 4.20
CA LEU B 528 -12.34 -25.36 3.45
C LEU B 528 -12.18 -25.10 1.95
N LEU B 529 -13.00 -24.19 1.41
CA LEU B 529 -13.04 -23.99 -0.03
C LEU B 529 -13.24 -22.52 -0.38
N GLN B 530 -12.74 -22.15 -1.56
CA GLN B 530 -13.14 -20.91 -2.22
C GLN B 530 -13.77 -21.28 -3.55
N VAL B 531 -14.91 -20.66 -3.91
CA VAL B 531 -15.52 -20.93 -5.22
C VAL B 531 -15.79 -19.60 -5.96
N HIS B 532 -14.70 -18.88 -6.20
CA HIS B 532 -14.64 -17.65 -7.00
C HIS B 532 -15.22 -16.42 -6.34
N ASP B 533 -16.45 -16.51 -5.84
CA ASP B 533 -17.06 -15.38 -5.12
C ASP B 533 -17.68 -15.83 -3.80
N GLU B 534 -17.29 -17.02 -3.36
CA GLU B 534 -17.85 -17.64 -2.17
C GLU B 534 -16.74 -18.27 -1.33
N LEU B 535 -16.91 -18.23 -0.01
CA LEU B 535 -16.00 -18.93 0.89
C LEU B 535 -16.80 -19.96 1.70
N ILE B 536 -16.24 -21.14 1.84
CA ILE B 536 -16.90 -22.22 2.59
C ILE B 536 -16.01 -22.54 3.77
N LEU B 537 -16.58 -22.52 4.98
CA LEU B 537 -15.86 -22.85 6.21
C LEU B 537 -16.57 -23.98 6.94
N GLU B 538 -15.86 -24.58 7.89
CA GLU B 538 -16.51 -25.38 8.92
C GLU B 538 -16.13 -24.85 10.30
N ALA B 539 -17.02 -25.06 11.28
CA ALA B 539 -16.72 -24.61 12.62
C ALA B 539 -17.58 -25.34 13.62
N PRO B 540 -17.12 -25.35 14.87
CA PRO B 540 -18.00 -25.86 15.93
C PRO B 540 -19.34 -25.11 15.96
N LYS B 541 -20.40 -25.82 16.33
CA LYS B 541 -21.73 -25.19 16.43
C LYS B 541 -21.72 -23.98 17.36
N GLU B 542 -20.93 -24.05 18.42
CA GLU B 542 -20.81 -22.98 19.42
C GLU B 542 -20.14 -21.71 18.89
N GLU B 543 -19.54 -21.78 17.71
CA GLU B 543 -18.91 -20.60 17.09
C GLU B 543 -19.77 -19.93 16.01
N MET B 544 -20.90 -20.54 15.68
CA MET B 544 -21.69 -20.06 14.54
C MET B 544 -22.20 -18.62 14.69
N GLU B 545 -22.73 -18.29 15.88
CA GLU B 545 -23.19 -16.92 16.09
C GLU B 545 -22.09 -15.89 15.84
N ARG B 546 -20.92 -16.13 16.43
CA ARG B 546 -19.77 -15.26 16.20
C ARG B 546 -19.38 -15.23 14.73
N LEU B 547 -19.41 -16.38 14.06
CA LEU B 547 -19.01 -16.42 12.65
C LEU B 547 -19.96 -15.67 11.73
N CYS B 548 -21.25 -15.79 12.00
CA CYS B 548 -22.29 -15.05 11.26
C CYS B 548 -22.03 -13.57 11.25
N ARG B 549 -21.47 -13.05 12.33
CA ARG B 549 -21.19 -11.63 12.48
C ARG B 549 -19.81 -11.26 11.90
N LEU B 550 -18.84 -12.15 12.11
CA LEU B 550 -17.45 -11.94 11.67
C LEU B 550 -17.23 -12.05 10.17
N VAL B 551 -17.73 -13.13 9.56
CA VAL B 551 -17.29 -13.42 8.19
C VAL B 551 -17.79 -12.39 7.18
N PRO B 552 -19.09 -12.04 7.22
CA PRO B 552 -19.56 -11.05 6.23
C PRO B 552 -18.87 -9.69 6.38
N GLU B 553 -18.59 -9.28 7.61
CA GLU B 553 -17.91 -7.99 7.85
C GLU B 553 -16.53 -7.97 7.22
N VAL B 554 -15.79 -9.04 7.43
CA VAL B 554 -14.43 -9.12 6.87
C VAL B 554 -14.45 -9.09 5.34
N MET B 555 -15.39 -9.84 4.76
CA MET B 555 -15.54 -9.90 3.30
C MET B 555 -16.00 -8.55 2.72
N GLU B 556 -16.96 -7.92 3.39
CA GLU B 556 -17.47 -6.64 2.95
C GLU B 556 -16.48 -5.49 3.04
N GLN B 557 -15.56 -5.57 3.99
CA GLN B 557 -14.60 -4.52 4.23
C GLN B 557 -13.20 -4.77 3.63
N ALA B 558 -13.07 -5.82 2.82
CA ALA B 558 -11.72 -6.19 2.32
C ALA B 558 -11.11 -5.05 1.47
N VAL B 559 -11.94 -4.41 0.66
CA VAL B 559 -11.54 -3.22 -0.09
C VAL B 559 -12.60 -2.16 0.06
N THR B 560 -12.27 -0.93 -0.34
CA THR B 560 -13.25 0.13 -0.33
C THR B 560 -13.50 0.52 -1.78
N LEU B 561 -14.73 0.32 -2.24
CA LEU B 561 -15.13 0.70 -3.59
C LEU B 561 -16.12 1.86 -3.53
N ARG B 562 -16.51 2.37 -4.69
CA ARG B 562 -17.49 3.46 -4.78
C ARG B 562 -18.90 3.00 -4.50
N VAL B 563 -19.08 1.69 -4.42
CA VAL B 563 -20.35 1.10 -3.98
C VAL B 563 -20.04 0.13 -2.83
N PRO B 564 -21.03 -0.14 -1.95
CA PRO B 564 -20.74 -1.14 -0.92
C PRO B 564 -20.62 -2.52 -1.53
N LEU B 565 -19.92 -3.41 -0.82
CA LEU B 565 -19.98 -4.82 -1.11
C LEU B 565 -21.01 -5.42 -0.18
N LYS B 566 -21.67 -6.49 -0.63
CA LYS B 566 -22.71 -7.15 0.14
C LYS B 566 -22.46 -8.66 0.19
N VAL B 567 -22.60 -9.24 1.38
CA VAL B 567 -22.35 -10.68 1.57
C VAL B 567 -23.57 -11.33 2.17
N ASP B 568 -23.99 -12.44 1.54
CA ASP B 568 -25.06 -13.28 2.05
C ASP B 568 -24.41 -14.51 2.70
N TYR B 569 -25.02 -15.06 3.74
CA TYR B 569 -24.44 -16.25 4.36
C TYR B 569 -25.49 -17.23 4.85
N HIS B 570 -25.10 -18.48 4.98
CA HIS B 570 -25.99 -19.55 5.42
C HIS B 570 -25.15 -20.62 6.09
N TYR B 571 -25.77 -21.44 6.93
CA TYR B 571 -25.02 -22.54 7.53
C TYR B 571 -25.94 -23.70 7.78
N GLY B 572 -25.35 -24.86 8.00
CA GLY B 572 -26.16 -26.06 8.21
C GLY B 572 -25.35 -27.31 8.38
N SER B 573 -26.05 -28.45 8.42
CA SER B 573 -25.40 -29.72 8.75
C SER B 573 -24.54 -30.27 7.63
N THR B 574 -24.88 -29.90 6.40
CA THR B 574 -24.12 -30.33 5.23
C THR B 574 -23.97 -29.14 4.31
N TRP B 575 -23.11 -29.22 3.31
CA TRP B 575 -22.99 -28.12 2.35
C TRP B 575 -24.35 -27.82 1.67
N TYR B 576 -25.16 -28.86 1.44
CA TYR B 576 -26.48 -28.69 0.84
C TYR B 576 -27.31 -27.73 1.68
N ASP B 577 -27.22 -27.91 2.99
CA ASP B 577 -28.06 -27.20 3.95
C ASP B 577 -27.58 -25.78 4.19
N ALA B 578 -26.38 -25.47 3.70
CA ALA B 578 -25.80 -24.15 3.90
C ALA B 578 -26.25 -23.21 2.79
N LYS B 579 -27.58 -23.11 2.63
CA LYS B 579 -28.24 -21.99 1.94
C LYS B 579 -29.72 -21.81 2.36
#